data_2ZX7
#
_entry.id   2ZX7
#
_cell.length_a   180.393
_cell.length_b   180.393
_cell.length_c   169.313
_cell.angle_alpha   90.00
_cell.angle_beta   90.00
_cell.angle_gamma   120.00
#
_symmetry.space_group_name_H-M   'H 3 2'
#
loop_
_entity.id
_entity.type
_entity.pdbx_description
1 polymer 'Alpha-L-fucosidase, putative'
2 non-polymer N-{[(2R,3R,4R,5R,6S)-3,4,5-trihydroxy-6-methylpiperidin-2-yl]methyl}-1H-indole-2-carboxamide
3 water water
#
_entity_poly.entity_id   1
_entity_poly.type   'polypeptide(L)'
_entity_poly.pdbx_seq_one_letter_code
;MISMKPRYKPDWESLREHTVPKWFDKAKFGIFIHWGIYSVPGWATPTGELGKVPMDAWFFQNPYAEWYENSLRIKESPTW
EYHVKTYGENFEYEKFADLFTAEKWDPQEWADLFKKAGAKYVIPTTKHHDGFCLWGTKYTDFNSVKRGPKRDLVGDLAKA
VREAGLRFGVYYSGGLDWRFTTEPIRYPEDLSYIRPNTYEYADYAYKQVMELVDLYLPDVLWNDMGWPEKGKEDLKYLFA
YYYNKHPEGSVNDRWGVPHWDFKTAEYHVNYPGDLPGYKWEFTRGIGLSFGYNRNEGPEHMLSVEQLVYTLVDVVSKGGN
LLLNVGPKGDGTIPDLQKERLLGLGEWLRKYGDAIYGTSVWERCCAKTEDGTEIRFTRKCNRIFVIFLGIPTGEKIVIED
LNLSAGTVRHFLTGERLSFKNVGKNLEITVPKKLLETDSITLVLEAVEEHHHHHH
;
_entity_poly.pdbx_strand_id   A,B
#
# COMPACT_ATOMS: atom_id res chain seq x y z
N ARG A 7 -0.62 17.69 5.25
CA ARG A 7 0.71 17.19 5.72
C ARG A 7 0.72 15.75 6.38
N TYR A 8 1.85 15.05 6.36
CA TYR A 8 1.91 13.79 7.10
C TYR A 8 2.18 14.23 8.55
N LYS A 9 1.59 13.54 9.49
CA LYS A 9 1.79 13.88 10.88
C LYS A 9 2.78 12.92 11.45
N PRO A 10 3.38 13.27 12.60
CA PRO A 10 4.37 12.40 13.26
C PRO A 10 3.76 11.28 14.09
N ASP A 11 3.07 10.38 13.44
CA ASP A 11 2.60 9.16 14.13
C ASP A 11 2.37 8.08 13.10
N TRP A 12 2.48 6.85 13.54
CA TRP A 12 2.41 5.69 12.65
C TRP A 12 1.18 5.57 11.81
N GLU A 13 0.03 5.93 12.36
CA GLU A 13 -1.23 5.80 11.65
C GLU A 13 -1.28 6.78 10.47
N SER A 14 -0.74 7.97 10.68
CA SER A 14 -0.71 8.95 9.59
C SER A 14 0.42 8.60 8.56
N LEU A 15 1.58 8.14 9.04
CA LEU A 15 2.67 7.76 8.12
C LEU A 15 2.24 6.58 7.26
N ARG A 16 1.30 5.78 7.77
CA ARG A 16 0.76 4.61 7.04
C ARG A 16 0.23 5.06 5.65
N GLU A 17 -0.28 6.28 5.59
CA GLU A 17 -0.78 6.90 4.36
C GLU A 17 0.23 6.93 3.24
N HIS A 18 1.52 7.04 3.56
CA HIS A 18 2.54 7.07 2.55
C HIS A 18 2.90 5.73 2.06
N THR A 19 2.78 5.47 0.77
CA THR A 19 3.20 4.17 0.31
C THR A 19 4.27 4.29 -0.73
N VAL A 20 4.87 3.14 -1.03
CA VAL A 20 5.95 3.17 -1.96
C VAL A 20 5.64 3.98 -3.20
N PRO A 21 6.49 4.96 -3.50
CA PRO A 21 6.25 5.79 -4.68
C PRO A 21 6.34 5.02 -5.97
N LYS A 22 5.52 5.44 -6.92
CA LYS A 22 5.37 4.85 -8.23
C LYS A 22 6.69 4.71 -8.95
N TRP A 23 7.55 5.72 -8.83
CA TRP A 23 8.81 5.66 -9.54
C TRP A 23 9.68 4.47 -9.09
N PHE A 24 9.66 4.21 -7.78
CA PHE A 24 10.47 3.12 -7.26
C PHE A 24 9.97 1.77 -7.72
N ASP A 25 8.65 1.60 -7.68
CA ASP A 25 8.02 0.38 -8.08
C ASP A 25 8.28 0.07 -9.54
N LYS A 26 8.29 1.11 -10.36
CA LYS A 26 8.52 0.99 -11.79
C LYS A 26 10.00 0.90 -12.17
N ALA A 27 10.90 1.33 -11.27
CA ALA A 27 12.32 1.32 -11.63
C ALA A 27 13.00 -0.04 -11.77
N LYS A 28 12.63 -1.02 -10.94
CA LYS A 28 13.20 -2.38 -11.05
C LYS A 28 14.69 -2.65 -10.74
N PHE A 29 15.54 -1.72 -11.08
CA PHE A 29 16.95 -1.98 -10.90
C PHE A 29 17.61 -0.75 -10.43
N GLY A 30 18.40 -0.94 -9.37
CA GLY A 30 19.21 0.16 -8.79
C GLY A 30 20.62 -0.34 -8.49
N ILE A 31 21.54 0.61 -8.31
CA ILE A 31 22.92 0.25 -7.94
C ILE A 31 23.29 0.66 -6.48
N PHE A 32 23.70 -0.32 -5.69
CA PHE A 32 24.23 -0.10 -4.34
C PHE A 32 25.76 0.19 -4.47
N ILE A 33 26.32 1.05 -3.64
CA ILE A 33 27.76 1.24 -3.69
C ILE A 33 28.34 1.25 -2.25
N HIS A 34 29.04 0.19 -1.87
CA HIS A 34 29.68 0.11 -0.57
C HIS A 34 31.15 0.54 -0.82
N TRP A 35 31.40 1.80 -0.47
CA TRP A 35 32.69 2.43 -0.66
C TRP A 35 33.11 3.14 0.62
N GLY A 36 34.34 2.89 1.06
CA GLY A 36 34.80 3.59 2.24
C GLY A 36 36.25 3.29 2.51
N ILE A 37 36.75 3.70 3.68
CA ILE A 37 38.16 3.45 3.98
C ILE A 37 38.52 1.95 3.99
N TYR A 38 37.48 1.08 4.10
CA TYR A 38 37.69 -0.37 4.05
C TYR A 38 38.02 -0.81 2.64
N SER A 39 37.66 0.02 1.67
CA SER A 39 37.99 -0.27 0.27
C SER A 39 39.51 -0.30 0.05
N VAL A 40 40.29 0.46 0.83
CA VAL A 40 41.74 0.52 0.74
C VAL A 40 42.36 -0.86 1.02
N PRO A 41 42.12 -1.45 2.22
CA PRO A 41 42.75 -2.79 2.32
C PRO A 41 42.08 -3.67 1.31
N GLY A 42 40.78 -3.43 1.10
CA GLY A 42 39.99 -4.21 0.14
C GLY A 42 40.26 -5.70 0.19
N TRP A 43 40.05 -6.31 1.34
CA TRP A 43 40.38 -7.72 1.47
C TRP A 43 39.47 -8.55 2.36
N ALA A 44 39.11 -9.74 1.92
CA ALA A 44 38.34 -10.64 2.79
C ALA A 44 38.45 -12.14 2.35
N THR A 45 38.11 -13.06 3.23
CA THR A 45 38.12 -14.48 2.87
C THR A 45 36.76 -14.69 2.18
N PRO A 46 36.74 -15.00 0.86
CA PRO A 46 35.47 -15.21 0.14
C PRO A 46 34.85 -16.55 0.47
N THR A 47 34.46 -16.73 1.73
CA THR A 47 33.88 -17.94 2.27
C THR A 47 32.62 -18.48 1.62
N GLY A 48 31.66 -17.62 1.33
CA GLY A 48 30.41 -18.08 0.77
C GLY A 48 29.33 -17.01 0.89
N GLU A 49 28.14 -17.38 0.48
CA GLU A 49 26.97 -16.49 0.48
C GLU A 49 26.25 -16.43 1.83
N LEU A 50 25.77 -15.24 2.20
CA LEU A 50 25.00 -15.12 3.45
C LEU A 50 23.78 -16.04 3.35
N GLY A 51 23.55 -16.81 4.42
CA GLY A 51 22.44 -17.75 4.46
C GLY A 51 22.97 -19.16 4.25
N LYS A 52 24.20 -19.29 3.75
CA LYS A 52 24.79 -20.60 3.47
C LYS A 52 25.98 -20.92 4.36
N VAL A 53 26.63 -19.88 4.86
CA VAL A 53 27.75 -20.05 5.77
C VAL A 53 27.25 -20.16 7.21
N PRO A 54 27.76 -21.13 7.98
CA PRO A 54 27.32 -21.25 9.38
C PRO A 54 27.72 -20.01 10.24
N MET A 55 26.74 -19.40 10.91
CA MET A 55 26.96 -18.21 11.74
C MET A 55 27.93 -18.34 12.95
N ASP A 56 28.33 -19.58 13.23
CA ASP A 56 29.24 -19.95 14.30
C ASP A 56 30.68 -19.67 13.72
N ALA A 57 30.75 -19.51 12.41
CA ALA A 57 32.03 -19.28 11.75
C ALA A 57 32.13 -17.92 11.03
N TRP A 58 30.98 -17.47 10.53
CA TRP A 58 30.85 -16.25 9.75
C TRP A 58 31.66 -15.02 10.13
N PHE A 59 31.61 -14.58 11.39
CA PHE A 59 32.37 -13.39 11.73
C PHE A 59 33.87 -13.58 11.77
N PHE A 60 34.30 -14.85 11.89
CA PHE A 60 35.71 -15.27 11.92
C PHE A 60 36.33 -15.46 10.52
N GLN A 61 35.51 -15.77 9.52
CA GLN A 61 35.93 -15.96 8.13
C GLN A 61 34.95 -15.10 7.31
N ASN A 62 34.79 -13.82 7.67
CA ASN A 62 33.83 -12.90 7.03
C ASN A 62 34.08 -12.51 5.58
N PRO A 63 33.12 -12.85 4.70
CA PRO A 63 33.25 -12.53 3.26
C PRO A 63 32.92 -11.05 2.94
N TYR A 64 32.28 -10.33 3.84
CA TYR A 64 32.01 -8.94 3.56
C TYR A 64 33.28 -8.13 3.86
N ALA A 65 34.01 -7.73 2.81
CA ALA A 65 35.24 -6.96 3.03
C ALA A 65 34.97 -5.63 3.79
N GLU A 66 33.76 -5.11 3.78
CA GLU A 66 33.55 -3.90 4.49
C GLU A 66 33.50 -4.14 6.03
N TRP A 67 33.61 -5.38 6.48
CA TRP A 67 33.59 -5.69 7.93
C TRP A 67 35.03 -5.82 8.46
N TYR A 68 35.96 -5.32 7.66
CA TYR A 68 37.40 -5.43 7.94
C TYR A 68 37.78 -5.01 9.33
N GLU A 69 37.32 -3.81 9.75
CA GLU A 69 37.64 -3.36 11.11
C GLU A 69 37.17 -4.37 12.18
N ASN A 70 35.94 -4.89 12.02
CA ASN A 70 35.45 -5.90 12.94
C ASN A 70 36.32 -7.17 12.88
N SER A 71 36.69 -7.62 11.68
CA SER A 71 37.52 -8.82 11.56
C SER A 71 38.92 -8.55 12.16
N LEU A 72 39.45 -7.34 11.93
CA LEU A 72 40.74 -6.92 12.47
C LEU A 72 40.78 -7.00 13.97
N ARG A 73 39.68 -6.62 14.64
CA ARG A 73 39.59 -6.66 16.10
C ARG A 73 39.57 -8.08 16.67
N ILE A 74 39.24 -9.08 15.85
CA ILE A 74 39.26 -10.47 16.27
C ILE A 74 40.68 -10.94 15.92
N LYS A 75 41.54 -11.10 16.92
CA LYS A 75 42.93 -11.53 16.69
C LYS A 75 42.96 -12.97 16.18
N GLU A 76 43.93 -13.33 15.37
CA GLU A 76 43.82 -14.73 14.92
C GLU A 76 42.52 -14.94 14.10
N SER A 77 42.30 -14.06 13.14
CA SER A 77 41.20 -14.15 12.20
C SER A 77 42.11 -13.96 10.99
N PRO A 78 41.75 -14.52 9.83
CA PRO A 78 42.56 -14.38 8.63
C PRO A 78 42.88 -12.92 8.36
N THR A 79 41.88 -12.04 8.53
CA THR A 79 42.04 -10.60 8.36
C THR A 79 43.16 -10.02 9.25
N TRP A 80 43.21 -10.47 10.51
CA TRP A 80 44.19 -9.99 11.42
C TRP A 80 45.59 -10.37 10.91
N GLU A 81 45.74 -11.63 10.48
CA GLU A 81 46.98 -12.13 9.95
C GLU A 81 47.43 -11.28 8.77
N TYR A 82 46.56 -11.14 7.79
CA TYR A 82 46.79 -10.34 6.59
C TYR A 82 47.19 -8.87 6.90
N HIS A 83 46.51 -8.26 7.86
CA HIS A 83 46.79 -6.86 8.21
C HIS A 83 48.19 -6.69 8.81
N VAL A 84 48.56 -7.58 9.73
CA VAL A 84 49.87 -7.50 10.36
C VAL A 84 51.01 -7.72 9.34
N LYS A 85 50.90 -8.72 8.48
CA LYS A 85 51.95 -8.90 7.47
C LYS A 85 51.93 -7.77 6.40
N THR A 86 50.77 -7.19 6.10
CA THR A 86 50.68 -6.19 5.03
C THR A 86 50.91 -4.72 5.44
N TYR A 87 50.27 -4.32 6.53
CA TYR A 87 50.31 -2.97 7.06
C TYR A 87 51.00 -2.84 8.37
N GLY A 88 51.04 -3.92 9.14
CA GLY A 88 51.65 -3.89 10.43
C GLY A 88 50.78 -3.86 11.68
N GLU A 89 51.31 -4.43 12.73
CA GLU A 89 50.60 -4.49 13.98
C GLU A 89 50.28 -3.09 14.53
N ASN A 90 51.10 -2.11 14.15
CA ASN A 90 50.94 -0.74 14.63
C ASN A 90 50.09 0.15 13.76
N PHE A 91 49.52 -0.39 12.70
CA PHE A 91 48.70 0.42 11.84
C PHE A 91 47.19 0.27 12.19
N GLU A 92 46.66 1.30 12.85
CA GLU A 92 45.24 1.30 13.24
C GLU A 92 44.35 1.41 12.04
N TYR A 93 43.21 0.77 12.15
CA TYR A 93 42.18 0.79 11.15
C TYR A 93 41.84 2.26 10.69
N GLU A 94 41.72 3.16 11.66
CA GLU A 94 41.36 4.54 11.36
C GLU A 94 42.33 5.22 10.43
N LYS A 95 43.56 4.69 10.42
CA LYS A 95 44.62 5.25 9.59
C LYS A 95 44.31 5.10 8.09
N PHE A 96 43.44 4.14 7.77
CA PHE A 96 43.05 3.97 6.38
C PHE A 96 42.35 5.25 5.76
N ALA A 97 41.72 6.10 6.58
CA ALA A 97 41.14 7.34 6.09
C ALA A 97 42.24 8.23 5.42
N ASP A 98 43.50 8.09 5.80
CA ASP A 98 44.57 8.91 5.19
C ASP A 98 44.99 8.32 3.85
N LEU A 99 44.81 7.01 3.67
CA LEU A 99 45.14 6.37 2.42
C LEU A 99 43.95 6.38 1.46
N PHE A 100 42.75 6.64 1.97
CA PHE A 100 41.56 6.69 1.12
C PHE A 100 41.59 8.06 0.40
N THR A 101 42.20 8.10 -0.76
CA THR A 101 42.40 9.36 -1.45
C THR A 101 41.51 9.60 -2.64
N ALA A 102 40.89 8.55 -3.14
CA ALA A 102 40.02 8.65 -4.31
C ALA A 102 40.63 9.49 -5.44
N GLU A 103 41.95 9.43 -5.61
CA GLU A 103 42.68 10.20 -6.61
C GLU A 103 42.21 10.04 -8.08
N LYS A 104 41.67 8.87 -8.43
CA LYS A 104 41.16 8.60 -9.79
C LYS A 104 39.65 8.59 -9.80
N TRP A 105 39.01 9.32 -8.90
CA TRP A 105 37.56 9.30 -8.87
C TRP A 105 36.90 10.23 -9.89
N ASP A 106 35.93 9.73 -10.64
CA ASP A 106 35.19 10.56 -11.58
C ASP A 106 33.69 10.23 -11.48
N PRO A 107 32.96 10.95 -10.60
CA PRO A 107 31.53 10.62 -10.48
C PRO A 107 30.70 10.57 -11.77
N GLN A 108 30.91 11.50 -12.69
CA GLN A 108 30.12 11.44 -13.94
C GLN A 108 30.36 10.16 -14.70
N GLU A 109 31.60 9.69 -14.60
CA GLU A 109 31.99 8.46 -15.22
C GLU A 109 31.21 7.33 -14.50
N TRP A 110 31.17 7.35 -13.16
CA TRP A 110 30.37 6.33 -12.43
C TRP A 110 28.89 6.40 -12.84
N ALA A 111 28.34 7.62 -12.82
CA ALA A 111 26.95 7.74 -13.13
C ALA A 111 26.66 7.28 -14.56
N ASP A 112 27.54 7.59 -15.49
CA ASP A 112 27.27 7.18 -16.84
C ASP A 112 27.30 5.63 -16.93
N LEU A 113 28.19 4.99 -16.18
CA LEU A 113 28.27 3.55 -16.25
C LEU A 113 27.03 2.92 -15.66
N PHE A 114 26.48 3.53 -14.60
CA PHE A 114 25.27 3.00 -13.96
C PHE A 114 24.04 3.13 -14.87
N LYS A 115 23.98 4.24 -15.61
CA LYS A 115 22.90 4.44 -16.57
C LYS A 115 23.11 3.43 -17.74
N LYS A 116 24.32 3.37 -18.26
CA LYS A 116 24.55 2.42 -19.35
C LYS A 116 24.20 1.03 -18.85
N ALA A 117 24.35 0.79 -17.56
CA ALA A 117 24.05 -0.54 -17.02
C ALA A 117 22.55 -0.88 -16.90
N GLY A 118 21.66 0.10 -17.11
CA GLY A 118 20.25 -0.13 -16.98
C GLY A 118 19.66 0.28 -15.63
N ALA A 119 20.48 0.85 -14.73
CA ALA A 119 20.00 1.22 -13.42
C ALA A 119 19.22 2.53 -13.40
N LYS A 120 18.20 2.60 -12.54
CA LYS A 120 17.38 3.79 -12.44
C LYS A 120 17.61 4.62 -11.17
N TYR A 121 18.39 4.08 -10.24
CA TYR A 121 18.66 4.76 -8.97
C TYR A 121 19.95 4.22 -8.38
N VAL A 122 20.61 5.05 -7.59
CA VAL A 122 21.88 4.72 -7.03
C VAL A 122 21.91 5.07 -5.56
N ILE A 123 22.52 4.19 -4.79
CA ILE A 123 22.55 4.41 -3.37
C ILE A 123 23.91 4.09 -2.77
N PRO A 124 24.64 5.12 -2.38
CA PRO A 124 25.93 4.87 -1.78
C PRO A 124 25.87 4.82 -0.24
N THR A 125 26.86 4.14 0.33
CA THR A 125 26.97 4.08 1.76
C THR A 125 27.48 5.45 2.21
N THR A 126 26.64 6.23 2.91
CA THR A 126 27.10 7.54 3.41
C THR A 126 27.89 7.35 4.68
N LYS A 127 27.60 6.26 5.38
CA LYS A 127 28.28 5.91 6.61
C LYS A 127 28.01 4.45 6.88
N HIS A 128 29.05 3.64 6.85
CA HIS A 128 28.88 2.25 7.13
C HIS A 128 29.20 1.93 8.60
N HIS A 129 29.22 0.66 8.97
CA HIS A 129 29.48 0.33 10.36
C HIS A 129 30.72 0.93 11.06
N ASP A 130 31.81 1.17 10.30
CA ASP A 130 33.04 1.71 10.88
C ASP A 130 32.85 3.21 11.26
N GLY A 131 31.69 3.76 10.92
CA GLY A 131 31.35 5.14 11.24
C GLY A 131 32.03 6.28 10.52
N PHE A 132 32.76 6.00 9.46
CA PHE A 132 33.44 7.02 8.67
C PHE A 132 32.38 7.51 7.66
N CYS A 133 32.22 8.84 7.57
CA CYS A 133 31.20 9.50 6.75
C CYS A 133 31.74 10.13 5.48
N LEU A 134 31.09 9.80 4.36
CA LEU A 134 31.48 10.24 3.05
C LEU A 134 30.94 11.58 2.64
N TRP A 135 30.64 12.45 3.63
CA TRP A 135 30.16 13.85 3.39
C TRP A 135 30.62 14.73 4.52
N GLY A 136 30.53 16.02 4.27
CA GLY A 136 30.99 16.94 5.28
C GLY A 136 30.08 17.13 6.46
N THR A 137 29.67 16.05 7.12
CA THR A 137 28.82 16.16 8.31
C THR A 137 29.42 17.11 9.36
N LYS A 138 28.58 17.83 10.06
CA LYS A 138 29.13 18.70 11.06
C LYS A 138 29.22 17.95 12.39
N TYR A 139 28.75 16.70 12.40
CA TYR A 139 28.73 15.97 13.67
C TYR A 139 29.88 15.04 14.01
N THR A 140 30.82 14.90 13.06
CA THR A 140 32.05 14.16 13.31
C THR A 140 33.12 14.66 12.36
N ASP A 141 34.38 14.52 12.80
CA ASP A 141 35.58 14.88 12.01
C ASP A 141 36.08 13.70 11.22
N PHE A 142 35.56 12.51 11.52
CA PHE A 142 35.93 11.31 10.84
C PHE A 142 35.02 11.20 9.59
N ASN A 143 35.34 12.01 8.58
CA ASN A 143 34.54 12.12 7.36
C ASN A 143 35.48 12.47 6.18
N SER A 144 34.99 12.23 4.98
CA SER A 144 35.77 12.42 3.82
C SER A 144 36.20 13.85 3.43
N VAL A 145 35.67 14.86 4.11
CA VAL A 145 36.04 16.25 3.82
C VAL A 145 37.32 16.65 4.64
N LYS A 146 37.40 16.21 5.89
CA LYS A 146 38.52 16.47 6.79
C LYS A 146 39.72 15.56 6.57
N ARG A 147 39.48 14.30 6.18
CA ARG A 147 40.55 13.32 5.95
C ARG A 147 40.41 12.73 4.58
N GLY A 148 41.43 12.00 4.15
CA GLY A 148 41.39 11.29 2.89
C GLY A 148 41.20 12.07 1.63
N PRO A 149 40.08 11.89 0.91
CA PRO A 149 39.79 12.61 -0.35
C PRO A 149 39.63 14.14 -0.19
N LYS A 150 39.30 14.60 1.01
CA LYS A 150 39.08 16.03 1.22
C LYS A 150 37.99 16.41 0.19
N ARG A 151 36.95 15.60 0.12
CA ARG A 151 35.90 15.85 -0.84
C ARG A 151 34.57 15.33 -0.35
N ASP A 152 33.48 15.99 -0.70
CA ASP A 152 32.18 15.51 -0.31
C ASP A 152 31.77 14.51 -1.38
N LEU A 153 32.05 13.24 -1.10
CA LEU A 153 31.74 12.16 -2.06
C LEU A 153 30.27 11.98 -2.29
N VAL A 154 29.48 12.03 -1.20
CA VAL A 154 28.03 11.86 -1.25
C VAL A 154 27.44 12.96 -2.14
N GLY A 155 27.78 14.21 -1.78
CA GLY A 155 27.31 15.34 -2.57
C GLY A 155 27.70 15.29 -4.06
N ASP A 156 28.99 15.13 -4.33
CA ASP A 156 29.45 15.09 -5.71
C ASP A 156 28.84 13.95 -6.45
N LEU A 157 28.62 12.85 -5.77
CA LEU A 157 28.05 11.74 -6.52
C LEU A 157 26.57 12.00 -6.77
N ALA A 158 25.90 12.68 -5.84
CA ALA A 158 24.45 12.97 -6.01
C ALA A 158 24.21 13.91 -7.22
N LYS A 159 25.10 14.90 -7.38
CA LYS A 159 24.97 15.83 -8.49
C LYS A 159 25.14 15.00 -9.78
N ALA A 160 26.20 14.19 -9.81
CA ALA A 160 26.48 13.34 -10.96
C ALA A 160 25.35 12.36 -11.34
N VAL A 161 24.84 11.63 -10.36
CA VAL A 161 23.76 10.69 -10.63
C VAL A 161 22.51 11.40 -11.14
N ARG A 162 22.19 12.54 -10.55
CA ARG A 162 21.00 13.28 -10.96
C ARG A 162 21.19 13.85 -12.37
N GLU A 163 22.42 14.26 -12.69
CA GLU A 163 22.69 14.80 -14.00
C GLU A 163 22.40 13.76 -15.05
N ALA A 164 22.69 12.49 -14.74
CA ALA A 164 22.46 11.38 -15.65
C ALA A 164 20.96 11.02 -15.64
N GLY A 165 20.19 11.69 -14.79
CA GLY A 165 18.78 11.45 -14.77
C GLY A 165 18.37 10.31 -13.90
N LEU A 166 19.27 9.85 -13.02
CA LEU A 166 18.91 8.74 -12.15
C LEU A 166 18.51 9.27 -10.76
N ARG A 167 17.71 8.49 -10.02
CA ARG A 167 17.30 8.82 -8.63
C ARG A 167 18.51 8.47 -7.74
N PHE A 168 18.64 9.23 -6.66
CA PHE A 168 19.72 9.08 -5.68
C PHE A 168 19.22 8.84 -4.25
N GLY A 169 19.62 7.74 -3.65
CA GLY A 169 19.18 7.45 -2.30
C GLY A 169 20.42 7.39 -1.47
N VAL A 170 20.26 7.31 -0.16
CA VAL A 170 21.41 7.22 0.74
C VAL A 170 21.35 6.05 1.65
N TYR A 171 22.45 5.35 1.83
CA TYR A 171 22.54 4.27 2.77
C TYR A 171 23.17 4.85 4.09
N TYR A 172 22.59 4.51 5.24
CA TYR A 172 23.13 4.97 6.52
C TYR A 172 23.10 3.83 7.54
N SER A 173 24.18 3.68 8.30
CA SER A 173 24.29 2.61 9.26
C SER A 173 23.72 3.07 10.60
N GLY A 174 22.40 2.99 10.76
CA GLY A 174 21.83 3.44 12.01
C GLY A 174 22.19 2.53 13.13
N GLY A 175 22.13 1.21 12.87
CA GLY A 175 22.38 0.24 13.90
C GLY A 175 23.76 -0.01 14.50
N LEU A 176 24.80 0.15 13.70
CA LEU A 176 26.13 -0.10 14.15
C LEU A 176 27.03 1.11 13.86
N ASP A 177 28.02 1.30 14.71
CA ASP A 177 28.99 2.34 14.51
C ASP A 177 30.12 1.95 15.47
N TRP A 178 31.17 1.33 14.88
CA TRP A 178 32.32 0.85 15.64
C TRP A 178 33.17 1.97 16.25
N ARG A 179 32.77 3.22 16.01
CA ARG A 179 33.41 4.35 16.64
C ARG A 179 32.83 4.46 18.05
N PHE A 180 31.75 3.72 18.35
CA PHE A 180 31.21 3.79 19.70
C PHE A 180 31.44 2.49 20.49
N THR A 181 32.17 1.54 19.91
CA THR A 181 32.40 0.28 20.61
C THR A 181 33.88 -0.09 20.47
N THR A 182 34.33 -1.04 21.28
CA THR A 182 35.73 -1.49 21.20
C THR A 182 35.84 -2.99 20.91
N GLU A 183 34.80 -3.72 21.30
CA GLU A 183 34.75 -5.15 21.17
C GLU A 183 34.15 -5.60 19.82
N PRO A 184 34.71 -6.64 19.20
CA PRO A 184 34.13 -7.09 17.93
C PRO A 184 32.92 -7.99 18.08
N ILE A 185 32.19 -8.12 16.98
CA ILE A 185 31.04 -9.02 16.90
C ILE A 185 31.69 -10.37 16.52
N ARG A 186 31.48 -11.40 17.33
CA ARG A 186 32.03 -12.72 17.07
C ARG A 186 30.95 -13.70 16.74
N TYR A 187 29.77 -13.54 17.36
CA TYR A 187 28.60 -14.39 17.12
C TYR A 187 27.37 -13.54 16.94
N PRO A 188 26.35 -14.09 16.24
CA PRO A 188 25.13 -13.31 16.02
C PRO A 188 24.63 -12.70 17.33
N GLU A 189 24.66 -13.48 18.41
CA GLU A 189 24.24 -13.05 19.75
C GLU A 189 24.85 -11.74 20.23
N ASP A 190 26.11 -11.56 19.85
CA ASP A 190 26.81 -10.38 20.30
C ASP A 190 26.11 -9.09 19.88
N LEU A 191 25.38 -9.16 18.74
CA LEU A 191 24.68 -8.00 18.18
C LEU A 191 23.59 -7.45 19.10
N SER A 192 23.18 -8.25 20.05
CA SER A 192 22.14 -7.84 20.94
C SER A 192 22.66 -6.92 22.03
N TYR A 193 23.99 -6.86 22.21
CA TYR A 193 24.48 -5.97 23.24
C TYR A 193 25.70 -5.12 22.85
N ILE A 194 26.45 -5.52 21.83
CA ILE A 194 27.58 -4.70 21.44
C ILE A 194 27.07 -3.67 20.36
N ARG A 195 26.54 -2.56 20.87
CA ARG A 195 25.90 -1.48 20.13
C ARG A 195 26.26 -0.16 20.79
N PRO A 196 26.07 1.00 20.08
CA PRO A 196 26.46 2.23 20.82
C PRO A 196 25.73 2.35 22.14
N ASN A 197 24.42 2.11 22.11
CA ASN A 197 23.66 2.12 23.34
C ASN A 197 23.33 3.41 24.03
N THR A 198 24.00 4.49 23.68
CA THR A 198 23.76 5.75 24.40
C THR A 198 22.71 6.63 23.81
N TYR A 199 22.33 7.63 24.60
CA TYR A 199 21.35 8.63 24.18
C TYR A 199 22.10 9.45 23.16
N GLU A 200 23.31 9.78 23.54
CA GLU A 200 24.21 10.47 22.66
C GLU A 200 24.20 9.85 21.23
N TYR A 201 24.33 8.53 21.13
CA TYR A 201 24.36 7.88 19.80
C TYR A 201 23.01 8.00 19.08
N ALA A 202 21.92 7.78 19.82
CA ALA A 202 20.60 7.97 19.24
C ALA A 202 20.45 9.39 18.62
N ASP A 203 21.03 10.43 19.26
CA ASP A 203 20.92 11.81 18.76
C ASP A 203 21.79 11.98 17.52
N TYR A 204 22.94 11.32 17.54
CA TYR A 204 23.89 11.42 16.47
C TYR A 204 23.27 10.94 15.21
N ALA A 205 22.72 9.72 15.28
CA ALA A 205 22.10 9.06 14.13
C ALA A 205 20.91 9.91 13.60
N TYR A 206 20.05 10.41 14.50
CA TYR A 206 18.94 11.26 14.09
C TYR A 206 19.50 12.52 13.38
N LYS A 207 20.45 13.18 14.05
CA LYS A 207 21.03 14.39 13.48
C LYS A 207 21.71 14.09 12.15
N GLN A 208 22.33 12.93 12.03
CA GLN A 208 23.01 12.75 10.77
C GLN A 208 22.08 12.44 9.63
N VAL A 209 20.96 11.75 9.89
CA VAL A 209 20.06 11.46 8.80
C VAL A 209 19.28 12.73 8.46
N MET A 210 18.98 13.53 9.47
CA MET A 210 18.30 14.77 9.24
C MET A 210 19.17 15.60 8.30
N GLU A 211 20.48 15.66 8.60
CA GLU A 211 21.44 16.45 7.81
C GLU A 211 21.49 15.91 6.38
N LEU A 212 21.45 14.59 6.21
CA LEU A 212 21.47 14.04 4.84
C LEU A 212 20.18 14.48 4.10
N VAL A 213 19.05 14.44 4.79
CA VAL A 213 17.78 14.88 4.23
C VAL A 213 17.87 16.39 3.84
N ASP A 214 18.41 17.20 4.75
CA ASP A 214 18.56 18.60 4.46
C ASP A 214 19.50 18.95 3.33
N LEU A 215 20.67 18.33 3.29
CA LEU A 215 21.68 18.64 2.26
C LEU A 215 21.39 18.04 0.91
N TYR A 216 20.81 16.81 0.90
CA TYR A 216 20.60 16.09 -0.32
C TYR A 216 19.23 15.55 -0.70
N LEU A 217 18.24 15.71 0.18
CA LEU A 217 16.87 15.22 -0.03
C LEU A 217 16.90 13.95 -0.84
N PRO A 218 17.47 12.87 -0.27
CA PRO A 218 17.50 11.63 -1.08
C PRO A 218 16.13 11.02 -1.42
N ASP A 219 16.12 10.22 -2.49
CA ASP A 219 14.93 9.54 -2.96
C ASP A 219 14.63 8.30 -2.17
N VAL A 220 15.62 7.86 -1.42
CA VAL A 220 15.50 6.66 -0.63
C VAL A 220 16.34 6.76 0.61
N LEU A 221 15.75 6.49 1.77
CA LEU A 221 16.50 6.49 3.00
C LEU A 221 16.66 5.02 3.29
N TRP A 222 17.87 4.50 3.13
CA TRP A 222 18.09 3.07 3.30
C TRP A 222 18.88 2.81 4.57
N ASN A 223 18.21 2.58 5.69
CA ASN A 223 18.91 2.28 6.91
C ASN A 223 19.40 0.79 6.96
N ASP A 224 20.41 0.52 7.78
CA ASP A 224 20.85 -0.83 7.93
C ASP A 224 21.06 -1.09 9.43
N MET A 225 20.82 -2.33 9.80
CA MET A 225 21.03 -2.86 11.12
C MET A 225 20.15 -2.37 12.22
N GLY A 226 18.96 -1.94 11.87
CA GLY A 226 18.05 -1.48 12.91
C GLY A 226 18.33 -0.06 13.35
N TRP A 227 17.44 0.50 14.13
CA TRP A 227 17.66 1.86 14.58
C TRP A 227 17.79 1.76 16.09
N PRO A 228 18.70 2.53 16.68
CA PRO A 228 18.88 2.50 18.14
C PRO A 228 17.54 2.57 18.89
N GLU A 229 17.35 1.66 19.83
CA GLU A 229 16.11 1.58 20.61
C GLU A 229 15.70 2.98 21.16
N LYS A 230 16.65 3.69 21.78
CA LYS A 230 16.38 4.99 22.32
C LYS A 230 15.96 6.04 21.32
N GLY A 231 16.30 5.81 20.06
CA GLY A 231 15.95 6.79 19.05
C GLY A 231 14.77 6.39 18.18
N LYS A 232 14.12 5.25 18.44
CA LYS A 232 13.01 4.80 17.61
C LYS A 232 11.82 5.75 17.46
N GLU A 233 11.39 6.37 18.56
CA GLU A 233 10.30 7.34 18.51
C GLU A 233 10.66 8.54 17.64
N ASP A 234 11.94 8.87 17.56
CA ASP A 234 12.40 9.95 16.71
C ASP A 234 11.99 9.72 15.26
N LEU A 235 11.82 8.48 14.84
CA LEU A 235 11.49 8.22 13.44
C LEU A 235 10.14 8.73 12.99
N LYS A 236 9.19 8.86 13.93
CA LYS A 236 7.88 9.38 13.54
C LYS A 236 8.16 10.84 13.07
N TYR A 237 9.01 11.54 13.80
CA TYR A 237 9.28 12.92 13.45
C TYR A 237 10.12 13.03 12.18
N LEU A 238 11.16 12.19 12.07
CA LEU A 238 12.06 12.19 10.90
C LEU A 238 11.31 11.79 9.62
N PHE A 239 10.55 10.69 9.63
CA PHE A 239 9.82 10.27 8.43
C PHE A 239 8.77 11.37 8.04
N ALA A 240 8.06 11.97 9.02
CA ALA A 240 7.07 13.00 8.67
C ALA A 240 7.77 14.22 8.03
N TYR A 241 8.93 14.54 8.59
CA TYR A 241 9.71 15.67 8.13
C TYR A 241 10.18 15.43 6.69
N TYR A 242 10.66 14.23 6.45
CA TYR A 242 11.20 13.81 5.15
C TYR A 242 10.08 13.82 4.04
N TYR A 243 8.97 13.12 4.31
CA TYR A 243 7.86 13.04 3.36
C TYR A 243 7.20 14.37 3.12
N ASN A 244 7.22 15.24 4.13
CA ASN A 244 6.61 16.51 3.92
C ASN A 244 7.51 17.30 3.00
N LYS A 245 8.83 17.06 2.98
CA LYS A 245 9.72 17.78 2.07
C LYS A 245 9.80 17.09 0.73
N HIS A 246 9.57 15.77 0.74
CA HIS A 246 9.71 14.93 -0.45
C HIS A 246 8.69 13.78 -0.47
N PRO A 247 7.46 14.11 -0.80
CA PRO A 247 6.49 13.02 -0.80
C PRO A 247 6.91 11.81 -1.60
N GLU A 248 7.61 12.02 -2.71
CA GLU A 248 8.01 10.89 -3.52
C GLU A 248 9.23 10.15 -2.96
N GLY A 249 9.71 10.54 -1.77
CA GLY A 249 10.82 9.81 -1.16
C GLY A 249 10.31 8.46 -0.62
N SER A 250 11.24 7.59 -0.23
CA SER A 250 10.94 6.26 0.30
C SER A 250 11.91 5.80 1.38
N VAL A 251 11.45 4.87 2.23
CA VAL A 251 12.33 4.33 3.25
C VAL A 251 12.27 2.81 3.25
N ASN A 252 13.34 2.16 3.70
CA ASN A 252 13.33 0.71 3.70
C ASN A 252 12.76 0.08 4.99
N ASP A 253 12.96 -1.21 5.22
CA ASP A 253 12.37 -1.87 6.40
C ASP A 253 13.40 -2.27 7.47
N ARG A 254 14.49 -1.56 7.55
CA ARG A 254 15.49 -1.98 8.51
C ARG A 254 15.65 -1.02 9.68
N TRP A 255 14.55 -0.45 10.14
CA TRP A 255 14.50 0.52 11.20
C TRP A 255 13.97 -0.04 12.50
N GLY A 256 13.23 -1.14 12.40
CA GLY A 256 12.65 -1.75 13.58
C GLY A 256 11.48 -0.98 14.20
N VAL A 257 10.76 -0.19 13.39
CA VAL A 257 9.56 0.55 13.83
C VAL A 257 8.41 0.12 12.90
N PRO A 258 7.18 0.54 13.20
CA PRO A 258 6.05 0.16 12.36
C PRO A 258 6.12 0.49 10.89
N HIS A 259 6.54 1.67 10.53
CA HIS A 259 6.51 2.04 9.13
C HIS A 259 7.70 1.63 8.26
N TRP A 260 7.41 1.44 6.96
CA TRP A 260 8.35 1.10 5.91
C TRP A 260 7.59 1.16 4.58
N ASP A 261 8.29 1.41 3.46
CA ASP A 261 7.67 1.52 2.14
C ASP A 261 7.95 0.29 1.30
N PHE A 262 9.04 -0.40 1.59
CA PHE A 262 9.41 -1.62 0.88
C PHE A 262 10.33 -2.41 1.81
N LYS A 263 10.24 -3.72 1.68
CA LYS A 263 11.02 -4.68 2.47
C LYS A 263 12.29 -5.08 1.70
N THR A 264 13.21 -5.74 2.39
CA THR A 264 14.49 -6.08 1.74
C THR A 264 14.90 -7.54 1.97
N ALA A 265 15.77 -8.09 1.13
CA ALA A 265 16.23 -9.47 1.34
C ALA A 265 17.69 -9.40 0.93
N GLU A 266 18.54 -10.03 1.73
CA GLU A 266 19.99 -10.02 1.52
C GLU A 266 20.54 -11.46 1.19
N TYR A 267 21.10 -11.65 -0.01
CA TYR A 267 21.51 -12.98 -0.46
C TYR A 267 20.33 -13.93 -0.13
N HIS A 268 20.57 -15.08 0.48
CA HIS A 268 19.48 -16.01 0.76
C HIS A 268 18.47 -15.61 1.79
N VAL A 269 18.85 -14.67 2.65
CA VAL A 269 17.99 -14.23 3.74
C VAL A 269 16.78 -13.40 3.35
N ASN A 270 15.62 -13.98 3.62
CA ASN A 270 14.31 -13.42 3.30
C ASN A 270 13.98 -13.39 1.79
N TYR A 271 14.59 -14.29 1.05
CA TYR A 271 14.32 -14.32 -0.38
C TYR A 271 12.95 -14.97 -0.65
N PRO A 272 12.07 -14.29 -1.36
CA PRO A 272 10.77 -14.94 -1.56
C PRO A 272 10.74 -16.07 -2.60
N GLY A 273 9.99 -17.11 -2.27
CA GLY A 273 9.86 -18.26 -3.15
C GLY A 273 8.80 -17.98 -4.18
N ASP A 274 7.87 -17.11 -3.83
CA ASP A 274 6.83 -16.73 -4.76
C ASP A 274 6.43 -15.26 -4.50
N LEU A 275 5.37 -14.76 -5.15
CA LEU A 275 4.95 -13.39 -4.93
C LEU A 275 4.68 -13.25 -3.43
N PRO A 276 5.13 -12.14 -2.77
CA PRO A 276 4.94 -11.90 -1.34
C PRO A 276 3.78 -11.00 -0.93
N GLY A 277 3.22 -10.23 -1.85
CA GLY A 277 2.14 -9.36 -1.42
C GLY A 277 2.54 -7.95 -1.07
N TYR A 278 3.84 -7.61 -1.12
CA TYR A 278 4.26 -6.23 -0.76
C TYR A 278 5.49 -5.89 -1.57
N LYS A 279 5.77 -4.62 -1.77
CA LYS A 279 6.98 -4.23 -2.47
C LYS A 279 8.23 -4.57 -1.59
N TRP A 280 9.23 -5.09 -2.27
CA TRP A 280 10.49 -5.50 -1.68
C TRP A 280 11.61 -5.30 -2.73
N GLU A 281 12.83 -5.53 -2.28
CA GLU A 281 14.03 -5.32 -3.04
C GLU A 281 15.12 -6.30 -2.55
N PHE A 282 15.74 -6.94 -3.51
CA PHE A 282 16.77 -7.88 -3.28
C PHE A 282 18.14 -7.23 -3.36
N THR A 283 19.01 -7.51 -2.41
CA THR A 283 20.33 -6.92 -2.54
C THR A 283 21.43 -8.00 -2.34
N ARG A 284 22.54 -7.82 -3.05
CA ARG A 284 23.75 -8.67 -3.00
C ARG A 284 24.85 -8.02 -3.81
N GLY A 285 26.06 -8.44 -3.56
CA GLY A 285 27.13 -7.90 -4.36
C GLY A 285 27.19 -8.73 -5.67
N ILE A 286 28.08 -8.32 -6.58
CA ILE A 286 28.26 -9.07 -7.83
C ILE A 286 29.06 -10.34 -7.38
N GLY A 287 29.89 -10.18 -6.36
CA GLY A 287 30.65 -11.29 -5.81
C GLY A 287 30.02 -11.59 -4.46
N LEU A 288 30.83 -12.02 -3.47
CA LEU A 288 30.34 -12.34 -2.12
C LEU A 288 30.41 -11.18 -1.06
N SER A 289 31.00 -10.04 -1.46
CA SER A 289 31.23 -8.90 -0.59
C SER A 289 30.44 -7.67 -1.10
N PHE A 290 30.27 -6.66 -0.23
CA PHE A 290 29.68 -5.44 -0.72
C PHE A 290 30.91 -4.55 -0.98
N GLY A 291 31.80 -4.48 -0.01
CA GLY A 291 33.02 -3.71 -0.20
C GLY A 291 33.89 -4.46 -1.21
N TYR A 292 34.81 -3.72 -1.87
CA TYR A 292 35.74 -4.29 -2.83
C TYR A 292 36.60 -5.35 -2.15
N ASN A 293 36.68 -6.52 -2.76
CA ASN A 293 37.51 -7.59 -2.23
C ASN A 293 38.48 -8.04 -3.34
N ARG A 294 39.77 -7.72 -3.17
CA ARG A 294 40.78 -8.12 -4.14
C ARG A 294 40.95 -9.67 -4.28
N ASN A 295 40.44 -10.45 -3.33
CA ASN A 295 40.53 -11.91 -3.36
C ASN A 295 39.44 -12.61 -4.12
N GLU A 296 38.54 -11.86 -4.74
CA GLU A 296 37.48 -12.51 -5.47
C GLU A 296 37.88 -12.48 -6.88
N GLY A 297 37.62 -13.60 -7.55
CA GLY A 297 37.91 -13.67 -8.97
C GLY A 297 36.56 -14.02 -9.57
N PRO A 298 36.55 -14.32 -10.87
CA PRO A 298 35.28 -14.67 -11.51
C PRO A 298 34.53 -15.84 -10.83
N GLU A 299 35.28 -16.79 -10.27
CA GLU A 299 34.68 -17.95 -9.57
C GLU A 299 33.76 -17.50 -8.45
N HIS A 300 33.95 -16.27 -7.96
CA HIS A 300 33.11 -15.78 -6.85
C HIS A 300 32.00 -14.82 -7.27
N MET A 301 31.91 -14.52 -8.56
CA MET A 301 30.92 -13.57 -9.07
C MET A 301 29.83 -14.16 -9.87
N LEU A 302 28.75 -13.43 -10.05
CA LEU A 302 27.66 -13.91 -10.91
C LEU A 302 28.10 -13.64 -12.36
N SER A 303 27.67 -14.51 -13.27
CA SER A 303 27.95 -14.28 -14.68
C SER A 303 26.82 -13.35 -15.18
N VAL A 304 26.99 -12.72 -16.33
CA VAL A 304 25.94 -11.86 -16.91
C VAL A 304 24.61 -12.66 -16.97
N GLU A 305 24.68 -13.89 -17.46
CA GLU A 305 23.50 -14.72 -17.59
C GLU A 305 22.80 -14.86 -16.23
N GLN A 306 23.58 -15.19 -15.20
CA GLN A 306 23.08 -15.36 -13.82
C GLN A 306 22.47 -14.05 -13.30
N LEU A 307 23.08 -12.92 -13.67
CA LEU A 307 22.56 -11.61 -13.28
C LEU A 307 21.17 -11.32 -13.89
N VAL A 308 21.05 -11.59 -15.17
CA VAL A 308 19.81 -11.42 -15.88
C VAL A 308 18.77 -12.36 -15.22
N TYR A 309 19.10 -13.64 -15.08
CA TYR A 309 18.18 -14.58 -14.44
C TYR A 309 17.77 -14.10 -13.05
N THR A 310 18.69 -13.49 -12.34
CA THR A 310 18.41 -12.96 -10.99
C THR A 310 17.38 -11.80 -11.05
N LEU A 311 17.67 -10.79 -11.85
CA LEU A 311 16.78 -9.66 -12.02
C LEU A 311 15.40 -10.09 -12.46
N VAL A 312 15.32 -11.01 -13.41
CA VAL A 312 14.04 -11.44 -13.90
C VAL A 312 13.25 -12.10 -12.79
N ASP A 313 13.89 -12.98 -12.02
CA ASP A 313 13.20 -13.67 -10.93
C ASP A 313 12.69 -12.69 -9.89
N VAL A 314 13.53 -11.72 -9.53
CA VAL A 314 13.17 -10.68 -8.54
C VAL A 314 11.98 -9.88 -9.07
N VAL A 315 12.09 -9.44 -10.33
CA VAL A 315 11.06 -8.64 -10.94
C VAL A 315 9.73 -9.32 -11.08
N SER A 316 9.76 -10.61 -11.43
CA SER A 316 8.54 -11.40 -11.60
C SER A 316 7.88 -11.62 -10.26
N LYS A 317 8.61 -11.38 -9.19
CA LYS A 317 8.03 -11.57 -7.88
C LYS A 317 7.70 -10.23 -7.22
N GLY A 318 7.70 -9.15 -8.00
CA GLY A 318 7.35 -7.85 -7.49
C GLY A 318 8.51 -7.04 -6.89
N GLY A 319 9.73 -7.52 -7.00
CA GLY A 319 10.77 -6.73 -6.39
C GLY A 319 11.64 -5.91 -7.31
N ASN A 320 12.57 -5.19 -6.69
CA ASN A 320 13.60 -4.40 -7.38
C ASN A 320 14.88 -5.12 -7.04
N LEU A 321 15.88 -5.03 -7.90
CA LEU A 321 17.18 -5.63 -7.62
C LEU A 321 18.07 -4.45 -7.25
N LEU A 322 18.68 -4.50 -6.05
CA LEU A 322 19.64 -3.44 -5.67
C LEU A 322 21.00 -4.14 -5.74
N LEU A 323 21.67 -4.04 -6.89
CA LEU A 323 22.99 -4.72 -7.12
C LEU A 323 24.19 -3.90 -6.60
N ASN A 324 25.05 -4.53 -5.81
CA ASN A 324 26.16 -3.80 -5.23
C ASN A 324 27.41 -3.72 -6.10
N VAL A 325 28.03 -2.56 -6.11
CA VAL A 325 29.31 -2.35 -6.77
C VAL A 325 30.29 -1.92 -5.64
N GLY A 326 31.41 -2.59 -5.55
CA GLY A 326 32.39 -2.22 -4.54
C GLY A 326 33.67 -1.64 -5.17
N PRO A 327 33.80 -0.29 -5.24
CA PRO A 327 34.93 0.45 -5.80
C PRO A 327 36.22 0.33 -5.03
N LYS A 328 37.30 0.73 -5.66
CA LYS A 328 38.59 0.72 -5.00
C LYS A 328 38.83 2.03 -4.26
N GLY A 329 39.81 1.99 -3.39
CA GLY A 329 40.16 3.14 -2.61
C GLY A 329 40.52 4.27 -3.52
N ASP A 330 40.89 3.98 -4.76
CA ASP A 330 41.28 5.08 -5.64
C ASP A 330 40.11 5.68 -6.42
N GLY A 331 38.92 5.14 -6.19
CA GLY A 331 37.73 5.61 -6.85
C GLY A 331 37.42 4.97 -8.19
N THR A 332 38.06 3.84 -8.48
CA THR A 332 37.81 3.19 -9.76
C THR A 332 37.00 1.95 -9.55
N ILE A 333 36.25 1.56 -10.55
CA ILE A 333 35.45 0.35 -10.46
C ILE A 333 36.17 -0.81 -11.15
N PRO A 334 36.47 -1.87 -10.40
CA PRO A 334 37.19 -3.03 -10.98
C PRO A 334 36.52 -3.60 -12.25
N ASP A 335 37.34 -3.97 -13.24
CA ASP A 335 36.86 -4.52 -14.54
C ASP A 335 35.92 -5.70 -14.45
N LEU A 336 36.21 -6.63 -13.55
CA LEU A 336 35.30 -7.74 -13.40
C LEU A 336 33.88 -7.21 -13.12
N GLN A 337 33.80 -6.10 -12.40
CA GLN A 337 32.50 -5.55 -12.03
C GLN A 337 31.87 -4.76 -13.18
N LYS A 338 32.65 -3.85 -13.75
CA LYS A 338 32.21 -3.04 -14.89
C LYS A 338 31.69 -4.01 -15.99
N GLU A 339 32.52 -5.02 -16.31
CA GLU A 339 32.21 -6.00 -17.36
C GLU A 339 30.81 -6.60 -17.17
N ARG A 340 30.49 -6.96 -15.92
CA ARG A 340 29.17 -7.52 -15.64
C ARG A 340 28.06 -6.46 -15.67
N LEU A 341 28.36 -5.24 -15.24
CA LEU A 341 27.36 -4.22 -15.28
C LEU A 341 26.95 -3.95 -16.75
N LEU A 342 27.95 -3.95 -17.64
CA LEU A 342 27.71 -3.65 -19.05
C LEU A 342 26.94 -4.75 -19.75
N GLY A 343 27.22 -6.00 -19.39
CA GLY A 343 26.47 -7.09 -19.99
C GLY A 343 24.98 -7.03 -19.62
N LEU A 344 24.73 -6.68 -18.37
CA LEU A 344 23.37 -6.60 -17.89
C LEU A 344 22.66 -5.45 -18.62
N GLY A 345 23.32 -4.30 -18.76
CA GLY A 345 22.74 -3.18 -19.47
C GLY A 345 22.49 -3.49 -20.94
N GLU A 346 23.35 -4.33 -21.53
CA GLU A 346 23.17 -4.71 -22.92
C GLU A 346 21.86 -5.51 -23.02
N TRP A 347 21.59 -6.42 -22.09
CA TRP A 347 20.33 -7.20 -22.17
C TRP A 347 19.10 -6.31 -21.87
N LEU A 348 19.28 -5.29 -21.01
CA LEU A 348 18.17 -4.42 -20.66
C LEU A 348 17.80 -3.54 -21.81
N ARG A 349 18.80 -3.10 -22.60
CA ARG A 349 18.52 -2.26 -23.77
C ARG A 349 17.65 -3.03 -24.73
N LYS A 350 17.87 -4.33 -24.76
CA LYS A 350 17.12 -5.17 -25.65
C LYS A 350 15.76 -5.62 -25.11
N TYR A 351 15.69 -6.01 -23.84
CA TYR A 351 14.44 -6.55 -23.28
C TYR A 351 13.76 -5.66 -22.22
N GLY A 352 14.33 -4.46 -22.06
CA GLY A 352 13.82 -3.50 -21.11
C GLY A 352 12.33 -3.40 -20.94
N ASP A 353 11.62 -3.39 -22.05
CA ASP A 353 10.18 -3.27 -22.07
C ASP A 353 9.45 -4.44 -21.36
N ALA A 354 10.16 -5.55 -21.12
CA ALA A 354 9.49 -6.66 -20.41
C ALA A 354 9.91 -6.63 -18.93
N ILE A 355 10.62 -5.58 -18.52
CA ILE A 355 11.08 -5.41 -17.15
C ILE A 355 10.61 -4.10 -16.54
N TYR A 356 11.16 -2.99 -17.02
CA TYR A 356 10.81 -1.65 -16.55
C TYR A 356 9.33 -1.44 -16.56
N GLY A 357 8.84 -0.71 -15.55
CA GLY A 357 7.44 -0.37 -15.43
C GLY A 357 6.47 -1.52 -15.47
N THR A 358 6.88 -2.76 -15.21
CA THR A 358 5.91 -3.88 -15.21
C THR A 358 5.27 -4.16 -13.82
N SER A 359 4.28 -5.06 -13.82
CA SER A 359 3.55 -5.51 -12.62
C SER A 359 3.64 -7.01 -12.55
N VAL A 360 3.37 -7.55 -11.38
CA VAL A 360 3.39 -8.99 -11.27
C VAL A 360 2.15 -9.43 -12.02
N TRP A 361 2.09 -10.72 -12.31
CA TRP A 361 0.98 -11.33 -12.99
C TRP A 361 0.31 -12.23 -11.93
N GLU A 362 -0.50 -13.17 -12.36
CA GLU A 362 -1.17 -14.10 -11.45
C GLU A 362 -0.21 -15.03 -10.72
N ARG A 363 0.90 -15.32 -11.35
CA ARG A 363 1.87 -16.21 -10.77
C ARG A 363 3.17 -15.72 -11.34
N CYS A 364 4.23 -16.03 -10.64
CA CYS A 364 5.55 -15.58 -11.05
C CYS A 364 6.30 -16.55 -11.95
N CYS A 365 5.93 -17.82 -11.84
CA CYS A 365 6.77 -18.87 -12.39
C CYS A 365 6.14 -20.06 -13.06
N ALA A 366 6.89 -20.67 -13.96
CA ALA A 366 6.46 -21.87 -14.67
C ALA A 366 7.73 -22.51 -15.15
N LYS A 367 7.61 -23.66 -15.79
CA LYS A 367 8.79 -24.31 -16.35
C LYS A 367 8.38 -25.18 -17.53
N THR A 368 9.36 -25.43 -18.41
CA THR A 368 9.12 -26.27 -19.58
C THR A 368 9.25 -27.77 -19.29
N GLU A 369 8.61 -28.60 -20.11
CA GLU A 369 8.67 -30.07 -20.04
C GLU A 369 10.10 -30.55 -19.71
N ASP A 370 11.10 -29.92 -20.32
CA ASP A 370 12.47 -30.31 -20.10
C ASP A 370 13.19 -29.46 -19.08
N GLY A 371 12.41 -28.70 -18.30
CA GLY A 371 13.00 -27.92 -17.22
C GLY A 371 13.52 -26.52 -17.35
N THR A 372 13.29 -25.82 -18.46
CA THR A 372 13.78 -24.47 -18.52
C THR A 372 12.82 -23.68 -17.61
N GLU A 373 13.38 -22.81 -16.78
CA GLU A 373 12.53 -22.04 -15.89
C GLU A 373 11.90 -20.85 -16.64
N ILE A 374 10.65 -20.57 -16.32
CA ILE A 374 9.99 -19.46 -16.95
C ILE A 374 9.45 -18.49 -15.90
N ARG A 375 9.57 -17.21 -16.21
CA ARG A 375 9.09 -16.15 -15.33
C ARG A 375 8.15 -15.21 -16.12
N PHE A 376 7.15 -14.68 -15.44
CA PHE A 376 6.19 -13.76 -16.02
C PHE A 376 6.16 -12.30 -15.47
N THR A 377 5.89 -11.32 -16.32
CA THR A 377 5.71 -9.94 -15.91
C THR A 377 4.53 -9.51 -16.76
N ARG A 378 3.96 -8.37 -16.41
CA ARG A 378 2.76 -7.87 -17.06
C ARG A 378 2.75 -6.37 -17.26
N LYS A 379 2.01 -5.94 -18.25
CA LYS A 379 1.80 -4.52 -18.53
C LYS A 379 0.41 -4.45 -19.13
N CYS A 380 -0.57 -4.21 -18.28
CA CYS A 380 -1.96 -4.10 -18.71
C CYS A 380 -2.35 -5.43 -19.26
N ASN A 381 -2.75 -5.47 -20.53
CA ASN A 381 -3.16 -6.73 -21.16
C ASN A 381 -1.94 -7.55 -21.65
N ARG A 382 -0.78 -6.90 -21.85
CA ARG A 382 0.42 -7.61 -22.31
C ARG A 382 1.11 -8.48 -21.21
N ILE A 383 1.30 -9.76 -21.50
CA ILE A 383 1.95 -10.65 -20.57
C ILE A 383 3.24 -11.12 -21.14
N PHE A 384 4.32 -10.78 -20.46
CA PHE A 384 5.61 -11.19 -20.97
C PHE A 384 5.99 -12.54 -20.42
N VAL A 385 6.50 -13.43 -21.30
CA VAL A 385 6.93 -14.77 -20.93
C VAL A 385 8.44 -14.86 -21.13
N ILE A 386 9.18 -14.94 -20.01
CA ILE A 386 10.63 -14.97 -19.98
C ILE A 386 11.20 -16.31 -19.55
N PHE A 387 11.91 -16.93 -20.48
CA PHE A 387 12.58 -18.21 -20.30
C PHE A 387 13.96 -17.89 -19.74
N LEU A 388 14.37 -18.62 -18.72
CA LEU A 388 15.68 -18.32 -18.20
C LEU A 388 16.58 -19.19 -19.07
N GLY A 389 16.85 -18.70 -20.26
CA GLY A 389 17.69 -19.44 -21.17
C GLY A 389 16.96 -19.59 -22.47
N ILE A 390 17.63 -20.08 -23.51
CA ILE A 390 16.96 -20.23 -24.80
C ILE A 390 16.83 -21.69 -25.23
N PRO A 391 15.59 -22.22 -25.29
CA PRO A 391 15.33 -23.60 -25.69
C PRO A 391 15.87 -23.83 -27.09
N THR A 392 16.52 -24.98 -27.27
CA THR A 392 17.15 -25.46 -28.50
C THR A 392 16.17 -25.92 -29.60
N GLY A 393 15.11 -26.61 -29.19
CA GLY A 393 14.16 -27.05 -30.20
C GLY A 393 13.04 -26.06 -30.39
N GLU A 394 12.28 -26.22 -31.47
CA GLU A 394 11.18 -25.33 -31.76
C GLU A 394 9.88 -25.64 -31.04
N LYS A 395 9.65 -26.89 -30.71
CA LYS A 395 8.42 -27.20 -30.01
C LYS A 395 8.72 -26.95 -28.54
N ILE A 396 7.92 -26.11 -27.93
CA ILE A 396 8.13 -25.85 -26.55
C ILE A 396 6.87 -26.24 -25.80
N VAL A 397 7.06 -26.96 -24.69
CA VAL A 397 5.94 -27.36 -23.85
C VAL A 397 6.07 -26.73 -22.46
N ILE A 398 5.12 -25.86 -22.13
CA ILE A 398 5.10 -25.19 -20.84
C ILE A 398 4.21 -25.98 -19.91
N GLU A 399 4.82 -26.51 -18.86
CA GLU A 399 4.08 -27.30 -17.89
C GLU A 399 3.12 -26.48 -17.03
N ASP A 400 1.93 -27.00 -16.87
CA ASP A 400 0.92 -26.37 -16.03
C ASP A 400 0.56 -24.95 -16.35
N LEU A 401 0.22 -24.68 -17.61
CA LEU A 401 -0.17 -23.33 -18.00
C LEU A 401 -1.16 -23.32 -19.15
N ASN A 402 -2.24 -22.57 -19.00
CA ASN A 402 -3.22 -22.42 -20.08
C ASN A 402 -3.25 -20.91 -20.35
N LEU A 403 -3.55 -20.52 -21.59
CA LEU A 403 -3.65 -19.11 -21.93
C LEU A 403 -4.98 -18.89 -22.57
N SER A 404 -5.50 -17.67 -22.43
CA SER A 404 -6.77 -17.31 -23.03
C SER A 404 -6.53 -15.98 -23.69
N ALA A 405 -5.42 -15.89 -24.41
CA ALA A 405 -5.05 -14.65 -25.11
C ALA A 405 -5.37 -14.71 -26.60
N GLY A 406 -5.44 -15.92 -27.15
CA GLY A 406 -5.73 -16.00 -28.57
C GLY A 406 -4.51 -15.66 -29.43
N THR A 407 -3.70 -14.68 -29.01
CA THR A 407 -2.49 -14.30 -29.77
C THR A 407 -1.19 -14.06 -28.97
N VAL A 408 -0.20 -14.93 -29.22
CA VAL A 408 1.12 -14.94 -28.59
C VAL A 408 2.22 -14.56 -29.62
N ARG A 409 3.05 -13.55 -29.35
CA ARG A 409 4.08 -13.15 -30.31
C ARG A 409 5.44 -13.39 -29.78
N HIS A 410 6.44 -13.33 -30.65
CA HIS A 410 7.84 -13.45 -30.25
C HIS A 410 8.16 -11.98 -29.95
N PHE A 411 8.60 -11.72 -28.72
CA PHE A 411 8.86 -10.36 -28.30
C PHE A 411 9.83 -9.51 -29.09
N LEU A 412 10.96 -10.07 -29.46
CA LEU A 412 11.95 -9.28 -30.17
C LEU A 412 11.53 -8.82 -31.58
N THR A 413 10.97 -9.76 -32.35
CA THR A 413 10.55 -9.53 -33.73
C THR A 413 9.10 -9.05 -33.87
N GLY A 414 8.24 -9.51 -32.96
CA GLY A 414 6.85 -9.17 -33.04
C GLY A 414 6.14 -10.30 -33.77
N GLU A 415 6.89 -11.24 -34.33
CA GLU A 415 6.28 -12.35 -35.03
C GLU A 415 5.25 -13.13 -34.26
N ARG A 416 4.06 -13.22 -34.83
CA ARG A 416 2.95 -13.95 -34.28
C ARG A 416 3.39 -15.41 -34.32
N LEU A 417 3.06 -16.17 -33.29
CA LEU A 417 3.46 -17.57 -33.23
C LEU A 417 2.28 -18.52 -33.05
N SER A 418 2.54 -19.77 -33.41
CA SER A 418 1.52 -20.78 -33.32
C SER A 418 1.51 -21.44 -31.95
N PHE A 419 0.35 -21.48 -31.31
CA PHE A 419 0.23 -22.09 -29.99
C PHE A 419 -1.17 -22.68 -29.75
N LYS A 420 -1.26 -23.58 -28.77
CA LYS A 420 -2.51 -24.19 -28.35
C LYS A 420 -2.40 -24.85 -26.96
N ASN A 421 -3.50 -24.77 -26.22
CA ASN A 421 -3.61 -25.37 -24.90
C ASN A 421 -3.72 -26.87 -25.09
N VAL A 422 -2.78 -27.62 -24.55
CA VAL A 422 -2.81 -29.05 -24.68
C VAL A 422 -2.93 -29.61 -23.25
N GLY A 423 -4.16 -29.82 -22.79
CA GLY A 423 -4.37 -30.33 -21.44
C GLY A 423 -4.04 -29.27 -20.40
N LYS A 424 -3.29 -29.67 -19.38
CA LYS A 424 -2.90 -28.75 -18.32
C LYS A 424 -1.65 -27.96 -18.77
N ASN A 425 -1.30 -28.10 -20.04
CA ASN A 425 -0.13 -27.41 -20.61
C ASN A 425 -0.44 -26.47 -21.76
N LEU A 426 0.59 -25.69 -22.10
CA LEU A 426 0.54 -24.72 -23.20
C LEU A 426 1.61 -25.12 -24.22
N GLU A 427 1.23 -25.33 -25.46
CA GLU A 427 2.24 -25.73 -26.42
C GLU A 427 2.44 -24.64 -27.47
N ILE A 428 3.70 -24.37 -27.79
CA ILE A 428 4.07 -23.29 -28.71
C ILE A 428 5.25 -23.68 -29.61
N THR A 429 5.23 -23.18 -30.84
CA THR A 429 6.27 -23.46 -31.82
C THR A 429 7.07 -22.20 -32.09
N VAL A 430 8.35 -22.24 -31.79
CA VAL A 430 9.13 -21.07 -32.04
C VAL A 430 10.18 -21.40 -33.10
N PRO A 431 10.05 -20.79 -34.29
CA PRO A 431 11.00 -21.03 -35.38
C PRO A 431 12.41 -20.73 -34.92
N LYS A 432 13.32 -21.66 -35.15
CA LYS A 432 14.72 -21.53 -34.77
C LYS A 432 15.36 -20.22 -35.20
N LYS A 433 14.91 -19.62 -36.30
CA LYS A 433 15.55 -18.37 -36.69
C LYS A 433 15.27 -17.26 -35.65
N LEU A 434 14.11 -17.30 -35.00
CA LEU A 434 13.78 -16.32 -33.95
C LEU A 434 14.55 -16.74 -32.67
N LEU A 435 14.42 -18.00 -32.29
CA LEU A 435 15.16 -18.53 -31.17
C LEU A 435 16.62 -18.12 -31.30
N GLU A 436 17.15 -18.09 -32.51
CA GLU A 436 18.56 -17.71 -32.66
C GLU A 436 18.77 -16.22 -32.56
N THR A 437 17.69 -15.43 -32.47
CA THR A 437 17.87 -13.98 -32.38
C THR A 437 17.88 -13.47 -30.93
N ASP A 438 17.29 -14.25 -30.02
CA ASP A 438 17.25 -13.83 -28.64
C ASP A 438 18.61 -13.86 -28.00
N SER A 439 18.84 -13.02 -27.00
CA SER A 439 20.15 -13.00 -26.41
C SER A 439 20.45 -13.85 -25.21
N ILE A 440 19.63 -13.94 -24.18
CA ILE A 440 20.07 -14.86 -23.08
C ILE A 440 18.80 -15.52 -22.59
N THR A 441 17.72 -14.89 -23.02
CA THR A 441 16.42 -15.30 -22.62
C THR A 441 15.52 -15.29 -23.85
N LEU A 442 14.77 -16.37 -24.02
CA LEU A 442 13.78 -16.38 -25.07
C LEU A 442 12.67 -15.61 -24.43
N VAL A 443 12.22 -14.52 -25.07
CA VAL A 443 11.07 -13.78 -24.53
C VAL A 443 9.81 -13.79 -25.45
N LEU A 444 8.68 -14.22 -24.89
CA LEU A 444 7.41 -14.24 -25.58
C LEU A 444 6.47 -13.23 -24.92
N GLU A 445 5.55 -12.69 -25.72
CA GLU A 445 4.59 -11.68 -25.33
C GLU A 445 3.21 -12.19 -25.66
N ALA A 446 2.31 -12.29 -24.69
CA ALA A 446 0.96 -12.76 -24.96
C ALA A 446 -0.03 -11.65 -24.64
N VAL A 447 -0.87 -11.33 -25.61
CA VAL A 447 -1.90 -10.30 -25.46
C VAL A 447 -3.23 -11.02 -25.29
N GLU A 448 -3.89 -10.86 -24.12
CA GLU A 448 -5.16 -11.55 -23.86
C GLU A 448 -6.48 -10.82 -24.14
N ARG B 7 2.94 -16.55 7.72
CA ARG B 7 1.80 -15.92 8.42
C ARG B 7 2.12 -14.46 8.81
N TYR B 8 1.11 -13.71 9.27
CA TYR B 8 1.36 -12.35 9.75
C TYR B 8 1.69 -12.55 11.23
N LYS B 9 2.61 -11.76 11.74
CA LYS B 9 2.98 -11.89 13.14
C LYS B 9 2.23 -10.79 13.83
N PRO B 10 2.01 -10.95 15.15
CA PRO B 10 1.28 -9.92 15.90
C PRO B 10 2.08 -8.69 16.22
N ASP B 11 2.43 -7.93 15.19
CA ASP B 11 3.06 -6.65 15.45
C ASP B 11 2.87 -5.74 14.26
N TRP B 12 2.72 -4.45 14.52
CA TRP B 12 2.51 -3.44 13.48
C TRP B 12 3.43 -3.52 12.26
N GLU B 13 4.74 -3.71 12.45
CA GLU B 13 5.69 -3.77 11.37
C GLU B 13 5.29 -4.88 10.43
N SER B 14 4.99 -6.03 11.01
CA SER B 14 4.60 -7.17 10.22
C SER B 14 3.21 -6.98 9.62
N LEU B 15 2.28 -6.46 10.42
CA LEU B 15 0.94 -6.27 9.89
C LEU B 15 0.88 -5.31 8.71
N ARG B 16 1.84 -4.39 8.62
CA ARG B 16 1.91 -3.45 7.52
C ARG B 16 2.00 -4.20 6.16
N GLU B 17 2.56 -5.43 6.15
CA GLU B 17 2.60 -6.27 4.93
C GLU B 17 1.22 -6.52 4.32
N HIS B 18 0.15 -6.35 5.09
CA HIS B 18 -1.18 -6.59 4.54
C HIS B 18 -1.77 -5.26 3.99
N THR B 19 -2.19 -5.24 2.74
CA THR B 19 -2.76 -4.01 2.24
C THR B 19 -4.16 -4.22 1.76
N VAL B 20 -4.87 -3.13 1.48
CA VAL B 20 -6.24 -3.28 1.08
C VAL B 20 -6.32 -4.33 -0.01
N PRO B 21 -7.17 -5.37 0.16
CA PRO B 21 -7.30 -6.41 -0.88
C PRO B 21 -7.84 -5.86 -2.21
N LYS B 22 -7.48 -6.49 -3.32
CA LYS B 22 -7.95 -6.08 -4.66
C LYS B 22 -9.47 -5.98 -4.79
N TRP B 23 -10.16 -6.97 -4.24
CA TRP B 23 -11.60 -6.96 -4.36
C TRP B 23 -12.20 -5.67 -3.84
N PHE B 24 -11.68 -5.19 -2.71
CA PHE B 24 -12.17 -3.98 -2.10
C PHE B 24 -11.88 -2.75 -2.97
N ASP B 25 -10.62 -2.61 -3.39
CA ASP B 25 -10.23 -1.51 -4.25
C ASP B 25 -11.10 -1.45 -5.50
N LYS B 26 -11.32 -2.60 -6.13
CA LYS B 26 -12.11 -2.72 -7.35
C LYS B 26 -13.62 -2.60 -7.19
N ALA B 27 -14.13 -2.86 -5.98
CA ALA B 27 -15.58 -2.87 -5.79
C ALA B 27 -16.31 -1.54 -5.82
N LYS B 28 -15.67 -0.47 -5.38
CA LYS B 28 -16.23 0.89 -5.45
C LYS B 28 -17.47 1.24 -4.71
N PHE B 29 -18.40 0.29 -4.52
CA PHE B 29 -19.70 0.60 -3.91
C PHE B 29 -20.20 -0.51 -2.98
N GLY B 30 -20.56 -0.13 -1.76
CA GLY B 30 -21.09 -1.07 -0.79
C GLY B 30 -22.26 -0.47 -0.03
N ILE B 31 -23.08 -1.30 0.63
CA ILE B 31 -24.23 -0.87 1.38
C ILE B 31 -23.98 -1.06 2.93
N PHE B 32 -24.18 0.03 3.70
CA PHE B 32 -24.08 0.04 5.17
C PHE B 32 -25.53 -0.18 5.58
N ILE B 33 -25.76 -0.83 6.71
CA ILE B 33 -27.11 -1.02 7.23
C ILE B 33 -27.10 -0.72 8.73
N HIS B 34 -27.68 0.39 9.17
CA HIS B 34 -27.73 0.67 10.61
C HIS B 34 -29.12 0.21 10.98
N TRP B 35 -29.18 -0.90 11.70
CA TRP B 35 -30.46 -1.54 12.07
C TRP B 35 -30.37 -2.03 13.46
N GLY B 36 -31.37 -1.66 14.26
CA GLY B 36 -31.38 -2.07 15.65
C GLY B 36 -32.64 -1.66 16.37
N ILE B 37 -32.67 -1.83 17.70
CA ILE B 37 -33.88 -1.51 18.42
C ILE B 37 -34.24 -0.03 18.30
N TYR B 38 -33.24 0.77 17.91
CA TYR B 38 -33.48 2.18 17.74
C TYR B 38 -34.34 2.36 16.47
N SER B 39 -34.33 1.34 15.62
CA SER B 39 -35.18 1.37 14.41
C SER B 39 -36.70 1.38 14.73
N VAL B 40 -37.04 0.97 15.96
CA VAL B 40 -38.43 0.92 16.35
C VAL B 40 -38.90 2.35 16.55
N PRO B 41 -38.32 3.09 17.49
CA PRO B 41 -38.89 4.44 17.54
C PRO B 41 -38.69 5.22 16.22
N GLY B 42 -37.63 4.87 15.47
CA GLY B 42 -37.26 5.51 14.22
C GLY B 42 -37.54 6.99 14.09
N TRP B 43 -37.03 7.78 15.03
CA TRP B 43 -37.28 9.22 15.08
C TRP B 43 -36.05 10.05 15.45
N ALA B 44 -35.85 11.17 14.74
CA ALA B 44 -34.77 12.15 15.03
C ALA B 44 -35.16 13.53 14.43
N THR B 45 -34.56 14.59 14.91
CA THR B 45 -34.86 15.90 14.34
C THR B 45 -33.87 16.02 13.14
N PRO B 46 -34.36 16.03 11.87
CA PRO B 46 -33.46 16.14 10.71
C PRO B 46 -32.75 17.51 10.58
N THR B 47 -31.94 17.84 11.57
CA THR B 47 -31.27 19.11 11.65
C THR B 47 -30.33 19.50 10.50
N GLY B 48 -29.59 18.54 9.96
CA GLY B 48 -28.64 18.86 8.90
C GLY B 48 -27.52 17.83 8.82
N GLU B 49 -26.52 18.14 8.00
CA GLU B 49 -25.38 17.23 7.78
C GLU B 49 -24.21 17.38 8.76
N LEU B 50 -23.61 16.25 9.17
CA LEU B 50 -22.45 16.32 10.08
C LEU B 50 -21.33 17.16 9.40
N GLY B 51 -20.80 18.12 10.16
CA GLY B 51 -19.80 19.02 9.63
C GLY B 51 -20.41 20.40 9.35
N LYS B 52 -21.75 20.51 9.23
CA LYS B 52 -22.38 21.81 8.95
C LYS B 52 -23.24 22.29 10.11
N VAL B 53 -23.54 21.36 11.00
CA VAL B 53 -24.33 21.68 12.16
C VAL B 53 -23.32 22.03 13.26
N PRO B 54 -23.58 23.11 14.03
CA PRO B 54 -22.67 23.53 15.12
C PRO B 54 -22.65 22.44 16.22
N MET B 55 -21.45 22.02 16.61
CA MET B 55 -21.31 20.97 17.60
C MET B 55 -21.77 21.30 19.05
N ASP B 56 -22.08 22.57 19.30
CA ASP B 56 -22.61 22.96 20.60
C ASP B 56 -24.11 22.73 20.63
N ALA B 57 -24.67 22.34 19.49
CA ALA B 57 -26.07 22.06 19.41
C ALA B 57 -26.39 20.60 18.98
N TRP B 58 -25.50 20.04 18.15
CA TRP B 58 -25.64 18.72 17.54
C TRP B 58 -26.21 17.57 18.38
N PHE B 59 -25.66 17.33 19.60
CA PHE B 59 -26.15 16.23 20.43
C PHE B 59 -27.50 16.48 21.03
N PHE B 60 -27.92 17.75 20.98
CA PHE B 60 -29.21 18.24 21.54
C PHE B 60 -30.32 18.16 20.50
N GLN B 61 -29.95 18.07 19.22
CA GLN B 61 -30.90 17.96 18.08
C GLN B 61 -30.20 17.01 17.14
N ASN B 62 -29.83 15.86 17.67
CA ASN B 62 -29.14 14.89 16.90
C ASN B 62 -29.93 14.33 15.71
N PRO B 63 -29.43 14.53 14.47
CA PRO B 63 -30.10 14.02 13.28
C PRO B 63 -29.88 12.50 13.05
N TYR B 64 -28.98 11.88 13.83
CA TYR B 64 -28.69 10.45 13.72
C TYR B 64 -29.69 9.75 14.64
N ALA B 65 -30.74 9.16 14.05
CA ALA B 65 -31.80 8.49 14.82
C ALA B 65 -31.22 7.26 15.55
N GLU B 66 -30.16 6.66 15.05
CA GLU B 66 -29.58 5.56 15.82
C GLU B 66 -29.03 6.08 17.19
N TRP B 67 -28.96 7.41 17.39
CA TRP B 67 -28.50 8.03 18.65
C TRP B 67 -29.65 8.35 19.60
N TYR B 68 -30.80 7.75 19.32
CA TYR B 68 -31.98 7.93 20.11
C TYR B 68 -31.81 7.83 21.63
N GLU B 69 -31.22 6.72 22.12
CA GLU B 69 -31.01 6.53 23.56
C GLU B 69 -30.16 7.65 24.23
N ASN B 70 -29.09 8.02 23.57
CA ASN B 70 -28.25 9.13 24.07
C ASN B 70 -29.14 10.44 24.13
N SER B 71 -29.91 10.70 23.06
CA SER B 71 -30.79 11.85 23.03
C SER B 71 -31.85 11.71 24.12
N LEU B 72 -32.38 10.52 24.31
CA LEU B 72 -33.42 10.31 25.33
C LEU B 72 -32.88 10.61 26.73
N ARG B 73 -31.58 10.38 26.90
CA ARG B 73 -30.95 10.62 28.18
C ARG B 73 -30.79 12.10 28.47
N ILE B 74 -30.90 12.95 27.45
CA ILE B 74 -30.81 14.39 27.60
C ILE B 74 -32.22 14.88 27.82
N LYS B 75 -32.59 15.11 29.06
CA LYS B 75 -33.95 15.54 29.40
C LYS B 75 -34.34 16.81 28.66
N GLU B 76 -35.56 16.86 28.17
CA GLU B 76 -35.92 18.07 27.46
C GLU B 76 -34.99 18.36 26.24
N SER B 77 -34.89 17.36 25.38
CA SER B 77 -34.20 17.46 24.11
C SER B 77 -35.47 17.10 23.27
N PRO B 78 -35.47 17.41 21.98
CA PRO B 78 -36.66 17.02 21.26
C PRO B 78 -37.03 15.53 21.49
N THR B 79 -36.04 14.65 21.44
CA THR B 79 -36.26 13.22 21.66
C THR B 79 -36.98 12.88 23.00
N TRP B 80 -36.56 13.52 24.08
CA TRP B 80 -37.17 13.27 25.37
C TRP B 80 -38.66 13.58 25.31
N GLU B 81 -39.00 14.78 24.81
CA GLU B 81 -40.38 15.25 24.69
C GLU B 81 -41.13 14.28 23.82
N TYR B 82 -40.55 13.96 22.67
CA TYR B 82 -41.16 13.02 21.77
C TYR B 82 -41.52 11.70 22.45
N HIS B 83 -40.53 11.16 23.13
CA HIS B 83 -40.63 9.89 23.75
C HIS B 83 -41.71 9.83 24.81
N VAL B 84 -41.70 10.82 25.69
CA VAL B 84 -42.65 10.85 26.76
C VAL B 84 -44.07 10.98 26.25
N LYS B 85 -44.25 11.76 25.20
CA LYS B 85 -45.55 11.91 24.63
C LYS B 85 -46.02 10.71 23.84
N THR B 86 -45.11 9.90 23.31
CA THR B 86 -45.48 8.75 22.46
C THR B 86 -45.51 7.42 23.22
N TYR B 87 -44.55 7.27 24.12
CA TYR B 87 -44.34 6.05 24.84
C TYR B 87 -44.54 6.18 26.32
N GLY B 88 -44.34 7.39 26.82
CA GLY B 88 -44.50 7.61 28.24
C GLY B 88 -43.17 7.60 28.93
N GLU B 89 -43.17 8.11 30.13
CA GLU B 89 -41.96 8.17 30.93
C GLU B 89 -41.54 6.85 31.58
N ASN B 90 -42.48 5.93 31.84
CA ASN B 90 -42.20 4.62 32.45
C ASN B 90 -41.83 3.65 31.31
N PHE B 91 -41.22 4.17 30.25
CA PHE B 91 -40.89 3.30 29.14
C PHE B 91 -39.42 3.48 28.81
N GLU B 92 -38.57 2.59 29.34
CA GLU B 92 -37.13 2.65 29.12
C GLU B 92 -36.76 2.28 27.70
N TYR B 93 -35.65 2.85 27.26
CA TYR B 93 -35.13 2.56 25.93
C TYR B 93 -34.99 1.03 25.65
N GLU B 94 -34.44 0.29 26.60
CA GLU B 94 -34.20 -1.16 26.48
C GLU B 94 -35.44 -1.97 26.14
N LYS B 95 -36.61 -1.44 26.48
CA LYS B 95 -37.93 -2.06 26.19
C LYS B 95 -38.16 -2.26 24.65
N PHE B 96 -37.49 -1.45 23.82
CA PHE B 96 -37.57 -1.51 22.37
C PHE B 96 -36.98 -2.79 21.83
N ALA B 97 -36.13 -3.45 22.63
CA ALA B 97 -35.55 -4.74 22.21
C ALA B 97 -36.65 -5.81 22.11
N ASP B 98 -37.69 -5.64 22.90
CA ASP B 98 -38.79 -6.59 22.84
C ASP B 98 -39.71 -6.23 21.71
N LEU B 99 -39.81 -4.94 21.39
CA LEU B 99 -40.68 -4.56 20.28
C LEU B 99 -40.00 -4.68 18.93
N PHE B 100 -38.71 -4.99 18.89
CA PHE B 100 -37.98 -5.11 17.65
C PHE B 100 -38.17 -6.56 17.13
N THR B 101 -39.26 -6.79 16.39
CA THR B 101 -39.57 -8.16 15.92
C THR B 101 -39.28 -8.60 14.49
N ALA B 102 -38.82 -7.65 13.66
CA ALA B 102 -38.43 -7.94 12.27
C ALA B 102 -39.40 -8.94 11.57
N GLU B 103 -40.66 -8.77 11.91
CA GLU B 103 -41.80 -9.56 11.46
C GLU B 103 -41.82 -9.83 9.98
N LYS B 104 -41.40 -8.83 9.24
CA LYS B 104 -41.39 -8.83 7.78
C LYS B 104 -40.05 -8.95 7.19
N TRP B 105 -39.07 -9.30 7.99
CA TRP B 105 -37.73 -9.39 7.47
C TRP B 105 -37.54 -10.56 6.57
N ASP B 106 -36.88 -10.34 5.44
CA ASP B 106 -36.54 -11.41 4.48
C ASP B 106 -35.12 -11.06 3.97
N PRO B 107 -34.11 -11.73 4.55
CA PRO B 107 -32.76 -11.40 4.10
C PRO B 107 -32.40 -11.57 2.63
N GLN B 108 -33.00 -12.53 1.94
CA GLN B 108 -32.72 -12.74 0.51
C GLN B 108 -33.30 -11.60 -0.31
N GLU B 109 -34.41 -11.04 0.15
CA GLU B 109 -34.97 -9.88 -0.54
C GLU B 109 -33.97 -8.74 -0.42
N TRP B 110 -33.41 -8.51 0.77
CA TRP B 110 -32.42 -7.44 0.97
C TRP B 110 -31.22 -7.63 0.05
N ALA B 111 -30.74 -8.86 0.04
CA ALA B 111 -29.58 -9.18 -0.75
C ALA B 111 -29.88 -9.02 -2.27
N ASP B 112 -31.10 -9.36 -2.68
CA ASP B 112 -31.52 -9.19 -4.05
C ASP B 112 -31.45 -7.71 -4.39
N LEU B 113 -32.13 -6.90 -3.58
CA LEU B 113 -32.15 -5.47 -3.74
C LEU B 113 -30.76 -4.78 -3.78
N PHE B 114 -29.83 -5.17 -2.90
CA PHE B 114 -28.52 -4.51 -2.83
C PHE B 114 -27.73 -4.88 -4.07
N LYS B 115 -28.00 -6.07 -4.58
CA LYS B 115 -27.33 -6.48 -5.80
C LYS B 115 -27.91 -5.68 -7.03
N LYS B 116 -29.23 -5.51 -7.09
CA LYS B 116 -29.83 -4.74 -8.18
C LYS B 116 -29.33 -3.28 -8.12
N ALA B 117 -29.01 -2.82 -6.92
CA ALA B 117 -28.52 -1.47 -6.68
C ALA B 117 -27.05 -1.26 -7.13
N GLY B 118 -26.34 -2.36 -7.39
CA GLY B 118 -24.95 -2.24 -7.82
C GLY B 118 -23.92 -2.41 -6.71
N ALA B 119 -24.32 -2.70 -5.45
CA ALA B 119 -23.37 -2.91 -4.36
C ALA B 119 -22.58 -4.20 -4.50
N LYS B 120 -21.32 -4.18 -4.11
CA LYS B 120 -20.54 -5.40 -4.22
C LYS B 120 -20.23 -5.98 -2.84
N TYR B 121 -20.58 -5.22 -1.79
CA TYR B 121 -20.38 -5.69 -0.43
C TYR B 121 -21.42 -5.05 0.44
N VAL B 122 -21.66 -5.69 1.58
CA VAL B 122 -22.67 -5.27 2.53
C VAL B 122 -22.16 -5.32 3.96
N ILE B 123 -22.47 -4.30 4.73
CA ILE B 123 -21.97 -4.27 6.13
C ILE B 123 -23.01 -3.75 7.12
N PRO B 124 -23.62 -4.64 7.91
CA PRO B 124 -24.62 -4.27 8.92
C PRO B 124 -24.00 -3.96 10.29
N THR B 125 -24.75 -3.21 11.09
CA THR B 125 -24.30 -2.92 12.42
C THR B 125 -24.49 -4.19 13.26
N THR B 126 -23.41 -4.88 13.67
CA THR B 126 -23.63 -6.05 14.52
C THR B 126 -23.95 -5.61 15.98
N LYS B 127 -23.47 -4.44 16.36
CA LYS B 127 -23.68 -3.83 17.68
C LYS B 127 -23.33 -2.35 17.52
N HIS B 128 -24.29 -1.50 17.82
CA HIS B 128 -24.09 -0.08 17.75
C HIS B 128 -23.89 0.47 19.18
N HIS B 129 -23.78 1.80 19.31
CA HIS B 129 -23.54 2.41 20.61
C HIS B 129 -24.43 1.94 21.74
N ASP B 130 -25.71 1.63 21.48
CA ASP B 130 -26.62 1.15 22.52
C ASP B 130 -26.30 -0.29 23.05
N GLY B 131 -25.26 -0.92 22.48
CA GLY B 131 -24.82 -2.21 22.96
C GLY B 131 -25.68 -3.40 22.65
N PHE B 132 -26.74 -3.20 21.88
CA PHE B 132 -27.62 -4.31 21.52
C PHE B 132 -26.95 -5.11 20.37
N CYS B 133 -26.87 -6.43 20.51
CA CYS B 133 -26.22 -7.28 19.53
C CYS B 133 -27.16 -8.03 18.61
N LEU B 134 -26.82 -8.03 17.34
CA LEU B 134 -27.63 -8.64 16.34
C LEU B 134 -27.25 -10.08 15.98
N TRP B 135 -26.45 -10.74 16.81
CA TRP B 135 -26.11 -12.17 16.58
C TRP B 135 -26.22 -12.87 17.95
N GLY B 136 -26.29 -14.19 18.00
CA GLY B 136 -26.42 -14.79 19.31
C GLY B 136 -25.09 -14.82 20.06
N THR B 137 -24.53 -13.67 20.38
CA THR B 137 -23.25 -13.64 21.11
C THR B 137 -23.36 -14.37 22.44
N LYS B 138 -22.29 -15.01 22.85
CA LYS B 138 -22.36 -15.67 24.13
C LYS B 138 -21.87 -14.73 25.25
N TYR B 139 -21.68 -13.45 24.95
CA TYR B 139 -21.17 -12.57 25.99
C TYR B 139 -22.14 -11.58 26.53
N THR B 140 -23.34 -11.60 25.98
CA THR B 140 -24.39 -10.79 26.50
C THR B 140 -25.74 -11.34 26.09
N ASP B 141 -26.71 -11.18 26.98
CA ASP B 141 -28.08 -11.59 26.74
C ASP B 141 -28.84 -10.49 26.02
N PHE B 142 -28.27 -9.30 25.93
CA PHE B 142 -28.96 -8.19 25.23
C PHE B 142 -28.60 -8.34 23.72
N ASN B 143 -29.15 -9.38 23.09
CA ASN B 143 -28.87 -9.67 21.70
C ASN B 143 -30.16 -10.14 20.99
N SER B 144 -30.18 -10.13 19.68
CA SER B 144 -31.38 -10.48 18.93
C SER B 144 -31.96 -11.93 18.99
N VAL B 145 -31.18 -12.89 19.49
CA VAL B 145 -31.58 -14.31 19.62
C VAL B 145 -32.41 -14.46 20.87
N LYS B 146 -32.05 -13.70 21.91
CA LYS B 146 -32.76 -13.70 23.19
C LYS B 146 -33.93 -12.74 23.31
N ARG B 147 -33.85 -11.62 22.63
CA ARG B 147 -34.90 -10.62 22.71
C ARG B 147 -35.37 -10.35 21.31
N GLY B 148 -36.52 -9.73 21.17
CA GLY B 148 -37.05 -9.34 19.87
C GLY B 148 -37.23 -10.26 18.67
N PRO B 149 -36.31 -10.24 17.66
CA PRO B 149 -36.41 -11.06 16.45
C PRO B 149 -36.32 -12.55 16.69
N LYS B 150 -35.72 -12.94 17.83
CA LYS B 150 -35.50 -14.35 18.19
C LYS B 150 -34.74 -14.93 17.01
N ARG B 151 -33.68 -14.27 16.61
CA ARG B 151 -32.99 -14.73 15.43
C ARG B 151 -31.60 -14.15 15.25
N ASP B 152 -30.71 -14.92 14.63
CA ASP B 152 -29.36 -14.47 14.34
C ASP B 152 -29.36 -13.59 13.06
N LEU B 153 -29.63 -12.31 13.27
CA LEU B 153 -29.73 -11.37 12.17
C LEU B 153 -28.42 -11.33 11.39
N VAL B 154 -27.31 -11.16 12.07
CA VAL B 154 -26.00 -11.08 11.38
C VAL B 154 -25.74 -12.33 10.50
N GLY B 155 -25.90 -13.51 11.12
CA GLY B 155 -25.66 -14.77 10.43
C GLY B 155 -26.55 -15.04 9.21
N ASP B 156 -27.85 -14.87 9.39
CA ASP B 156 -28.79 -15.08 8.32
C ASP B 156 -28.58 -14.08 7.23
N LEU B 157 -28.11 -12.87 7.55
CA LEU B 157 -27.88 -11.90 6.47
C LEU B 157 -26.58 -12.23 5.73
N ALA B 158 -25.59 -12.74 6.44
CA ALA B 158 -24.32 -13.03 5.81
C ALA B 158 -24.49 -14.14 4.74
N LYS B 159 -25.34 -15.12 5.08
CA LYS B 159 -25.66 -16.27 4.22
C LYS B 159 -26.40 -15.79 2.96
N ALA B 160 -27.34 -14.88 3.12
CA ALA B 160 -28.07 -14.33 1.98
C ALA B 160 -27.18 -13.46 1.10
N VAL B 161 -26.36 -12.61 1.71
CA VAL B 161 -25.49 -11.73 0.89
C VAL B 161 -24.52 -12.50 0.04
N ARG B 162 -23.91 -13.49 0.67
CA ARG B 162 -22.91 -14.37 0.06
C ARG B 162 -23.51 -15.26 -1.01
N GLU B 163 -24.74 -15.75 -0.79
CA GLU B 163 -25.44 -16.52 -1.80
C GLU B 163 -25.73 -15.65 -3.06
N ALA B 164 -25.84 -14.32 -2.89
CA ALA B 164 -26.08 -13.34 -3.95
C ALA B 164 -24.77 -12.99 -4.66
N GLY B 165 -23.67 -13.50 -4.13
CA GLY B 165 -22.39 -13.22 -4.74
C GLY B 165 -21.72 -11.97 -4.20
N LEU B 166 -22.24 -11.32 -3.14
CA LEU B 166 -21.60 -10.14 -2.60
C LEU B 166 -20.69 -10.46 -1.39
N ARG B 167 -19.78 -9.53 -1.08
CA ARG B 167 -18.90 -9.66 0.05
C ARG B 167 -19.72 -9.23 1.31
N PHE B 168 -19.34 -9.74 2.48
CA PHE B 168 -20.00 -9.42 3.73
C PHE B 168 -19.01 -8.96 4.84
N GLY B 169 -19.30 -7.79 5.38
CA GLY B 169 -18.48 -7.24 6.45
C GLY B 169 -19.37 -7.03 7.68
N VAL B 170 -18.75 -6.55 8.75
CA VAL B 170 -19.47 -6.28 10.00
C VAL B 170 -18.96 -4.99 10.58
N TYR B 171 -19.91 -4.27 11.15
CA TYR B 171 -19.70 -3.03 11.85
C TYR B 171 -19.84 -3.34 13.34
N TYR B 172 -18.96 -2.78 14.14
CA TYR B 172 -19.01 -2.97 15.59
C TYR B 172 -18.67 -1.65 16.27
N SER B 173 -19.50 -1.24 17.23
CA SER B 173 -19.21 -0.01 17.98
C SER B 173 -18.27 -0.37 19.11
N GLY B 174 -16.99 -0.39 18.79
CA GLY B 174 -16.01 -0.71 19.80
C GLY B 174 -15.76 0.43 20.72
N GLY B 175 -15.77 1.67 20.21
CA GLY B 175 -15.50 2.81 21.04
C GLY B 175 -16.59 3.20 22.01
N LEU B 176 -17.86 2.88 21.70
CA LEU B 176 -18.93 3.27 22.60
C LEU B 176 -19.86 2.15 22.88
N ASP B 177 -20.40 2.14 24.09
CA ASP B 177 -21.38 1.15 24.47
C ASP B 177 -22.14 1.72 25.67
N TRP B 178 -23.35 2.20 25.41
CA TRP B 178 -24.17 2.83 26.45
C TRP B 178 -24.68 1.88 27.54
N ARG B 179 -24.37 0.59 27.40
CA ARG B 179 -24.76 -0.35 28.43
C ARG B 179 -23.73 -0.23 29.55
N PHE B 180 -22.65 0.53 29.32
CA PHE B 180 -21.66 0.67 30.38
C PHE B 180 -21.52 2.11 30.90
N THR B 181 -22.38 3.03 30.47
CA THR B 181 -22.33 4.39 30.96
C THR B 181 -23.72 4.82 31.32
N THR B 182 -23.88 5.94 32.02
CA THR B 182 -25.22 6.43 32.36
C THR B 182 -25.45 7.84 31.83
N GLU B 183 -24.41 8.63 31.90
CA GLU B 183 -24.47 10.02 31.45
C GLU B 183 -24.43 10.10 29.92
N PRO B 184 -25.26 10.96 29.31
CA PRO B 184 -25.26 11.08 27.87
C PRO B 184 -24.16 12.05 27.43
N ILE B 185 -23.87 11.97 26.14
CA ILE B 185 -22.90 12.81 25.52
C ILE B 185 -23.66 14.07 25.17
N ARG B 186 -23.25 15.22 25.70
CA ARG B 186 -23.95 16.47 25.37
C ARG B 186 -23.07 17.32 24.50
N TYR B 187 -21.76 17.23 24.70
CA TYR B 187 -20.81 18.01 23.89
C TYR B 187 -19.72 17.11 23.36
N PRO B 188 -19.07 17.49 22.25
CA PRO B 188 -18.00 16.66 21.67
C PRO B 188 -16.91 16.28 22.75
N GLU B 189 -16.64 17.20 23.68
CA GLU B 189 -15.66 17.00 24.72
C GLU B 189 -15.92 15.79 25.63
N ASP B 190 -17.20 15.52 25.89
CA ASP B 190 -17.61 14.40 26.76
C ASP B 190 -17.10 13.05 26.30
N LEU B 191 -16.97 12.93 24.98
CA LEU B 191 -16.44 11.73 24.34
C LEU B 191 -15.04 11.34 24.86
N SER B 192 -14.35 12.31 25.41
CA SER B 192 -13.04 12.02 25.97
C SER B 192 -13.10 11.32 27.39
N TYR B 193 -14.22 11.38 28.12
CA TYR B 193 -14.27 10.71 29.42
C TYR B 193 -15.48 9.80 29.63
N ILE B 194 -16.56 10.05 28.89
CA ILE B 194 -17.75 9.24 29.05
C ILE B 194 -17.67 8.06 28.09
N ARG B 195 -17.00 7.00 28.54
CA ARG B 195 -16.70 5.77 27.80
C ARG B 195 -16.75 4.63 28.81
N PRO B 196 -16.89 3.36 28.35
CA PRO B 196 -16.94 2.26 29.33
C PRO B 196 -15.73 2.43 30.34
N ASN B 197 -14.51 2.58 29.77
CA ASN B 197 -13.26 2.82 30.51
C ASN B 197 -12.62 1.67 31.27
N THR B 198 -13.34 0.57 31.42
CA THR B 198 -12.84 -0.55 32.18
C THR B 198 -12.11 -1.61 31.41
N TYR B 199 -11.31 -2.41 32.14
CA TYR B 199 -10.57 -3.54 31.55
C TYR B 199 -11.63 -4.56 31.11
N GLU B 200 -12.65 -4.74 31.93
CA GLU B 200 -13.72 -5.64 31.57
C GLU B 200 -14.32 -5.24 30.17
N TYR B 201 -14.48 -3.94 29.88
CA TYR B 201 -15.03 -3.56 28.59
C TYR B 201 -14.06 -3.85 27.41
N ALA B 202 -12.77 -3.60 27.66
CA ALA B 202 -11.75 -3.89 26.65
C ALA B 202 -11.76 -5.40 26.30
N ASP B 203 -12.04 -6.26 27.31
CA ASP B 203 -12.10 -7.72 27.11
C ASP B 203 -13.34 -8.07 26.31
N TYR B 204 -14.45 -7.53 26.76
CA TYR B 204 -15.73 -7.72 26.11
C TYR B 204 -15.62 -7.45 24.61
N ALA B 205 -15.13 -6.28 24.25
CA ALA B 205 -14.97 -5.85 22.87
C ALA B 205 -14.06 -6.77 22.06
N TYR B 206 -12.97 -7.20 22.70
CA TYR B 206 -12.04 -8.13 22.05
C TYR B 206 -12.75 -9.47 21.81
N LYS B 207 -13.41 -9.95 22.84
CA LYS B 207 -14.05 -11.23 22.73
C LYS B 207 -15.18 -11.17 21.72
N GLN B 208 -15.88 -10.04 21.65
CA GLN B 208 -17.00 -9.98 20.68
C GLN B 208 -16.54 -9.94 19.23
N VAL B 209 -15.48 -9.18 18.93
CA VAL B 209 -14.96 -9.11 17.53
C VAL B 209 -14.32 -10.46 17.13
N MET B 210 -13.54 -11.05 18.05
CA MET B 210 -12.97 -12.38 17.84
C MET B 210 -14.11 -13.39 17.50
N GLU B 211 -15.23 -13.22 18.22
CA GLU B 211 -16.38 -14.08 18.03
C GLU B 211 -17.02 -13.92 16.66
N LEU B 212 -17.00 -12.71 16.09
CA LEU B 212 -17.57 -12.45 14.78
C LEU B 212 -16.62 -13.03 13.77
N VAL B 213 -15.32 -12.90 14.01
CA VAL B 213 -14.34 -13.50 13.13
C VAL B 213 -14.54 -15.05 13.04
N ASP B 214 -14.66 -15.68 14.20
CA ASP B 214 -14.86 -17.11 14.29
C ASP B 214 -16.19 -17.62 13.68
N LEU B 215 -17.29 -16.88 13.86
CA LEU B 215 -18.60 -17.31 13.35
C LEU B 215 -18.87 -16.96 11.91
N TYR B 216 -18.42 -15.77 11.48
CA TYR B 216 -18.71 -15.36 10.14
C TYR B 216 -17.59 -15.01 9.22
N LEU B 217 -16.34 -14.94 9.73
CA LEU B 217 -15.13 -14.58 8.95
C LEU B 217 -15.45 -13.49 7.94
N PRO B 218 -15.85 -12.31 8.46
CA PRO B 218 -16.22 -11.19 7.59
C PRO B 218 -15.07 -10.74 6.66
N ASP B 219 -15.48 -10.13 5.55
CA ASP B 219 -14.58 -9.62 4.52
C ASP B 219 -14.02 -8.26 4.96
N VAL B 220 -14.73 -7.64 5.91
CA VAL B 220 -14.36 -6.34 6.45
C VAL B 220 -14.74 -6.22 7.91
N LEU B 221 -13.75 -5.74 8.69
CA LEU B 221 -13.95 -5.41 10.11
C LEU B 221 -14.07 -3.88 10.15
N TRP B 222 -15.30 -3.41 10.32
CA TRP B 222 -15.56 -1.97 10.36
C TRP B 222 -15.83 -1.46 11.79
N ASN B 223 -14.79 -1.04 12.48
CA ASN B 223 -14.93 -0.50 13.85
C ASN B 223 -15.41 0.97 13.86
N ASP B 224 -16.02 1.39 14.94
CA ASP B 224 -16.41 2.76 15.00
C ASP B 224 -16.06 3.33 16.39
N MET B 225 -15.84 4.64 16.43
CA MET B 225 -15.53 5.34 17.64
C MET B 225 -14.24 5.01 18.38
N GLY B 226 -13.24 4.49 17.65
CA GLY B 226 -11.97 4.16 18.27
C GLY B 226 -12.09 2.89 19.07
N TRP B 227 -10.97 2.43 19.60
CA TRP B 227 -10.97 1.21 20.39
C TRP B 227 -10.53 1.53 21.81
N PRO B 228 -11.14 0.86 22.81
CA PRO B 228 -10.78 1.07 24.24
C PRO B 228 -9.25 1.17 24.38
N GLU B 229 -8.79 2.22 25.06
CA GLU B 229 -7.37 2.46 25.25
C GLU B 229 -6.72 1.24 25.91
N LYS B 230 -7.42 0.65 26.87
CA LYS B 230 -6.85 -0.52 27.51
C LYS B 230 -6.73 -1.75 26.58
N GLY B 231 -7.46 -1.73 25.45
CA GLY B 231 -7.46 -2.85 24.54
C GLY B 231 -6.68 -2.71 23.22
N LYS B 232 -6.09 -1.55 22.97
CA LYS B 232 -5.35 -1.29 21.72
C LYS B 232 -4.29 -2.28 21.36
N GLU B 233 -3.50 -2.74 22.34
CA GLU B 233 -2.48 -3.73 22.11
C GLU B 233 -3.06 -5.04 21.70
N ASP B 234 -4.32 -5.30 22.08
CA ASP B 234 -4.97 -6.57 21.72
C ASP B 234 -5.12 -6.71 20.20
N LEU B 235 -5.30 -5.56 19.49
CA LEU B 235 -5.49 -5.52 18.04
C LEU B 235 -4.35 -6.12 17.25
N LYS B 236 -3.15 -6.12 17.81
CA LYS B 236 -2.02 -6.72 17.09
C LYS B 236 -2.37 -8.18 16.90
N TYR B 237 -2.87 -8.79 17.98
CA TYR B 237 -3.15 -10.23 17.93
C TYR B 237 -4.41 -10.50 17.10
N LEU B 238 -5.44 -9.69 17.32
CA LEU B 238 -6.69 -9.85 16.61
C LEU B 238 -6.50 -9.70 15.09
N PHE B 239 -5.77 -8.67 14.66
CA PHE B 239 -5.47 -8.46 13.25
C PHE B 239 -4.65 -9.65 12.69
N ALA B 240 -3.62 -10.08 13.42
CA ALA B 240 -2.85 -11.20 12.92
C ALA B 240 -3.75 -12.48 12.81
N TYR B 241 -4.56 -12.67 13.85
CA TYR B 241 -5.48 -13.78 13.92
C TYR B 241 -6.45 -13.73 12.71
N TYR B 242 -6.99 -12.54 12.46
CA TYR B 242 -7.94 -12.34 11.37
C TYR B 242 -7.33 -12.57 9.96
N TYR B 243 -6.18 -11.95 9.70
CA TYR B 243 -5.48 -12.09 8.44
C TYR B 243 -4.92 -13.50 8.18
N ASN B 244 -4.61 -14.25 9.23
CA ASN B 244 -4.10 -15.58 9.03
C ASN B 244 -5.24 -16.51 8.64
N LYS B 245 -6.47 -16.19 9.02
CA LYS B 245 -7.59 -17.01 8.62
C LYS B 245 -8.19 -16.45 7.31
N HIS B 246 -8.02 -15.16 7.03
CA HIS B 246 -8.65 -14.58 5.86
C HIS B 246 -7.74 -13.44 5.33
N PRO B 247 -6.73 -13.79 4.51
CA PRO B 247 -5.83 -12.75 3.99
C PRO B 247 -6.56 -11.67 3.18
N GLU B 248 -7.70 -12.01 2.57
CA GLU B 248 -8.46 -11.05 1.82
C GLU B 248 -9.42 -10.26 2.69
N GLY B 249 -9.27 -10.39 3.99
CA GLY B 249 -10.11 -9.63 4.88
C GLY B 249 -9.50 -8.22 4.93
N SER B 250 -10.24 -7.29 5.53
CA SER B 250 -9.78 -5.94 5.66
C SER B 250 -10.33 -5.26 6.91
N VAL B 251 -9.64 -4.20 7.32
CA VAL B 251 -10.07 -3.37 8.43
C VAL B 251 -10.05 -1.84 8.05
N ASN B 252 -10.98 -1.06 8.60
CA ASN B 252 -10.98 0.39 8.39
C ASN B 252 -9.97 1.12 9.36
N ASP B 253 -10.15 2.41 9.61
CA ASP B 253 -9.20 3.21 10.34
C ASP B 253 -9.76 3.86 11.59
N ARG B 254 -10.70 3.18 12.20
CA ARG B 254 -11.30 3.76 13.36
C ARG B 254 -10.95 2.99 14.60
N TRP B 255 -9.72 2.49 14.65
CA TRP B 255 -9.22 1.71 15.77
C TRP B 255 -8.29 2.52 16.60
N GLY B 256 -7.69 3.53 15.99
CA GLY B 256 -6.81 4.37 16.74
C GLY B 256 -5.50 3.69 17.01
N VAL B 257 -5.10 2.77 16.14
CA VAL B 257 -3.79 2.09 16.28
C VAL B 257 -3.03 2.28 14.94
N PRO B 258 -1.74 1.89 14.87
CA PRO B 258 -0.97 2.05 13.64
C PRO B 258 -1.50 1.46 12.36
N HIS B 259 -2.13 0.30 12.45
CA HIS B 259 -2.65 -0.37 11.25
C HIS B 259 -4.06 -0.03 10.77
N TRP B 260 -4.24 -0.05 9.44
CA TRP B 260 -5.55 0.14 8.80
C TRP B 260 -5.36 -0.22 7.34
N ASP B 261 -6.41 -0.64 6.65
CA ASP B 261 -6.26 -0.99 5.24
C ASP B 261 -6.81 0.10 4.33
N PHE B 262 -7.80 0.83 4.85
CA PHE B 262 -8.41 1.94 4.11
C PHE B 262 -8.94 2.90 5.15
N LYS B 263 -8.97 4.18 4.80
CA LYS B 263 -9.43 5.25 5.69
C LYS B 263 -10.89 5.58 5.44
N THR B 264 -11.44 6.41 6.29
CA THR B 264 -12.85 6.75 6.14
C THR B 264 -13.18 8.27 6.33
N ALA B 265 -14.34 8.64 5.82
CA ALA B 265 -14.85 9.98 5.91
C ALA B 265 -16.37 9.79 6.04
N GLU B 266 -17.00 10.67 6.84
CA GLU B 266 -18.42 10.68 7.14
C GLU B 266 -19.05 12.08 6.90
N TYR B 267 -20.02 12.13 5.97
CA TYR B 267 -20.58 13.40 5.54
C TYR B 267 -19.38 14.32 5.24
N HIS B 268 -19.45 15.57 5.62
CA HIS B 268 -18.34 16.49 5.39
C HIS B 268 -16.97 16.19 6.08
N VAL B 269 -16.97 15.45 7.21
CA VAL B 269 -15.73 15.15 7.94
C VAL B 269 -14.70 14.23 7.23
N ASN B 270 -13.50 14.81 7.10
CA ASN B 270 -12.37 14.22 6.39
C ASN B 270 -12.63 13.96 4.94
N TYR B 271 -13.62 14.63 4.37
CA TYR B 271 -13.87 14.46 2.95
C TYR B 271 -12.76 15.10 2.08
N PRO B 272 -12.11 14.31 1.22
CA PRO B 272 -11.05 14.91 0.39
C PRO B 272 -11.52 15.80 -0.75
N GLY B 273 -10.77 16.87 -1.00
CA GLY B 273 -11.09 17.73 -2.13
C GLY B 273 -10.35 17.24 -3.38
N ASP B 274 -9.37 16.35 -3.21
CA ASP B 274 -8.60 15.85 -4.34
C ASP B 274 -8.03 14.45 -4.03
N LEU B 275 -7.25 13.88 -4.95
CA LEU B 275 -6.64 12.56 -4.73
C LEU B 275 -5.93 12.55 -3.36
N PRO B 276 -6.37 11.67 -2.41
CA PRO B 276 -5.71 11.64 -1.10
C PRO B 276 -4.40 10.90 -1.08
N GLY B 277 -4.25 9.91 -1.95
CA GLY B 277 -3.00 9.18 -1.94
C GLY B 277 -3.06 7.85 -1.23
N TYR B 278 -4.19 7.45 -0.65
CA TYR B 278 -4.31 6.13 0.04
C TYR B 278 -5.70 5.64 -0.24
N LYS B 279 -6.01 4.38 0.00
CA LYS B 279 -7.39 3.95 -0.22
C LYS B 279 -8.29 4.43 0.93
N TRP B 280 -9.51 4.87 0.61
CA TRP B 280 -10.49 5.35 1.60
C TRP B 280 -11.91 5.00 1.16
N GLU B 281 -12.86 5.22 2.07
CA GLU B 281 -14.23 4.92 1.78
C GLU B 281 -15.11 6.01 2.40
N PHE B 282 -16.11 6.44 1.63
CA PHE B 282 -17.04 7.50 2.02
C PHE B 282 -18.35 6.97 2.58
N THR B 283 -18.78 7.43 3.73
CA THR B 283 -20.03 6.90 4.13
C THR B 283 -20.97 8.01 4.52
N ARG B 284 -22.25 7.74 4.27
CA ARG B 284 -23.35 8.65 4.63
C ARG B 284 -24.71 7.97 4.48
N GLY B 285 -25.70 8.51 5.18
CA GLY B 285 -27.03 8.00 4.99
C GLY B 285 -27.58 8.54 3.65
N ILE B 286 -28.68 7.90 3.21
CA ILE B 286 -29.39 8.36 1.99
C ILE B 286 -29.98 9.73 2.48
N GLY B 287 -30.47 9.78 3.72
CA GLY B 287 -30.91 11.05 4.32
C GLY B 287 -29.76 11.65 5.18
N LEU B 288 -30.12 12.25 6.32
CA LEU B 288 -29.18 12.85 7.30
C LEU B 288 -28.86 11.92 8.52
N SER B 289 -29.50 10.76 8.58
CA SER B 289 -29.38 9.81 9.66
C SER B 289 -28.85 8.44 9.16
N PHE B 290 -28.43 7.57 10.08
CA PHE B 290 -28.03 6.23 9.56
C PHE B 290 -29.18 5.34 9.94
N GLY B 291 -29.64 5.43 11.19
CA GLY B 291 -30.79 4.63 11.60
C GLY B 291 -32.03 5.20 10.91
N TYR B 292 -33.04 4.37 10.72
CA TYR B 292 -34.28 4.89 10.12
C TYR B 292 -34.85 6.12 10.89
N ASN B 293 -35.36 7.10 10.17
CA ASN B 293 -35.99 8.32 10.74
C ASN B 293 -37.27 8.58 9.92
N ARG B 294 -38.40 8.32 10.56
CA ARG B 294 -39.71 8.52 9.96
C ARG B 294 -39.93 10.05 9.73
N ASN B 295 -39.07 10.92 10.24
CA ASN B 295 -39.18 12.33 10.07
C ASN B 295 -38.55 12.86 8.82
N GLU B 296 -37.80 12.03 8.13
CA GLU B 296 -37.20 12.57 6.95
C GLU B 296 -38.11 12.45 5.76
N GLY B 297 -38.17 13.51 4.96
CA GLY B 297 -38.93 13.45 3.73
C GLY B 297 -37.91 13.46 2.59
N PRO B 298 -38.37 13.51 1.32
CA PRO B 298 -37.38 13.52 0.23
C PRO B 298 -36.48 14.79 0.26
N GLU B 299 -36.93 15.84 0.97
CA GLU B 299 -36.17 17.12 1.11
C GLU B 299 -34.91 16.87 1.89
N HIS B 300 -34.87 15.76 2.63
CA HIS B 300 -33.68 15.50 3.44
C HIS B 300 -32.77 14.51 2.80
N MET B 301 -33.24 13.87 1.74
CA MET B 301 -32.44 12.85 1.09
C MET B 301 -31.75 13.29 -0.16
N LEU B 302 -30.74 12.53 -0.57
CA LEU B 302 -30.07 12.83 -1.82
C LEU B 302 -31.05 12.30 -2.85
N SER B 303 -31.02 12.90 -4.04
CA SER B 303 -31.84 12.45 -5.16
C SER B 303 -30.95 11.47 -5.89
N VAL B 304 -31.54 10.62 -6.72
CA VAL B 304 -30.72 9.68 -7.48
C VAL B 304 -29.57 10.42 -8.20
N GLU B 305 -29.84 11.58 -8.75
CA GLU B 305 -28.80 12.28 -9.48
C GLU B 305 -27.63 12.64 -8.56
N GLN B 306 -27.94 13.14 -7.37
CA GLN B 306 -26.93 13.52 -6.40
C GLN B 306 -26.13 12.29 -5.94
N LEU B 307 -26.83 11.17 -5.79
CA LEU B 307 -26.18 9.94 -5.42
C LEU B 307 -25.16 9.59 -6.47
N VAL B 308 -25.58 9.63 -7.72
CA VAL B 308 -24.68 9.30 -8.81
C VAL B 308 -23.45 10.22 -8.76
N TYR B 309 -23.68 11.53 -8.63
CA TYR B 309 -22.59 12.49 -8.58
C TYR B 309 -21.70 12.24 -7.37
N THR B 310 -22.31 11.82 -6.27
CA THR B 310 -21.55 11.52 -5.08
C THR B 310 -20.61 10.35 -5.34
N LEU B 311 -21.17 9.25 -5.86
CA LEU B 311 -20.36 8.08 -6.15
C LEU B 311 -19.17 8.45 -7.11
N VAL B 312 -19.44 9.09 -8.23
CA VAL B 312 -18.38 9.45 -9.14
C VAL B 312 -17.31 10.31 -8.49
N ASP B 313 -17.71 11.27 -7.66
CA ASP B 313 -16.69 12.12 -7.05
C ASP B 313 -15.83 11.21 -6.16
N VAL B 314 -16.47 10.38 -5.35
CA VAL B 314 -15.78 9.48 -4.50
C VAL B 314 -14.79 8.62 -5.30
N VAL B 315 -15.30 7.89 -6.30
CA VAL B 315 -14.47 6.99 -7.12
C VAL B 315 -13.32 7.69 -7.87
N SER B 316 -13.56 8.88 -8.38
CA SER B 316 -12.50 9.58 -9.10
C SER B 316 -11.32 9.90 -8.18
N LYS B 317 -11.64 9.97 -6.88
CA LYS B 317 -10.64 10.23 -5.83
C LYS B 317 -10.05 8.97 -5.19
N GLY B 318 -10.26 7.81 -5.79
CA GLY B 318 -9.74 6.57 -5.25
C GLY B 318 -10.56 5.95 -4.13
N GLY B 319 -11.70 6.52 -3.80
CA GLY B 319 -12.48 5.91 -2.75
C GLY B 319 -13.56 4.92 -3.22
N ASN B 320 -14.25 4.39 -2.20
CA ASN B 320 -15.38 3.50 -2.32
C ASN B 320 -16.47 4.32 -1.59
N LEU B 321 -17.72 4.17 -2.03
CA LEU B 321 -18.88 4.78 -1.34
C LEU B 321 -19.56 3.62 -0.55
N LEU B 322 -19.82 3.88 0.72
CA LEU B 322 -20.50 2.96 1.61
C LEU B 322 -21.83 3.68 1.94
N LEU B 323 -22.83 3.52 1.06
CA LEU B 323 -24.13 4.15 1.24
C LEU B 323 -24.96 3.40 2.27
N ASN B 324 -25.42 4.11 3.29
CA ASN B 324 -26.23 3.48 4.35
C ASN B 324 -27.71 3.45 4.08
N VAL B 325 -28.34 2.32 4.39
CA VAL B 325 -29.77 2.23 4.29
C VAL B 325 -30.24 1.98 5.76
N GLY B 326 -31.31 2.66 6.15
CA GLY B 326 -31.90 2.55 7.48
C GLY B 326 -33.25 1.79 7.52
N PRO B 327 -33.20 0.47 7.70
CA PRO B 327 -34.40 -0.38 7.76
C PRO B 327 -35.35 -0.04 8.93
N LYS B 328 -36.62 -0.48 8.81
CA LYS B 328 -37.61 -0.25 9.85
C LYS B 328 -37.49 -1.40 10.86
N GLY B 329 -38.14 -1.26 12.01
CA GLY B 329 -38.14 -2.30 13.01
C GLY B 329 -38.73 -3.56 12.44
N ASP B 330 -39.62 -3.46 11.46
CA ASP B 330 -40.20 -4.69 10.92
C ASP B 330 -39.34 -5.32 9.85
N GLY B 331 -38.19 -4.69 9.59
CA GLY B 331 -37.29 -5.26 8.61
C GLY B 331 -37.50 -4.84 7.17
N THR B 332 -38.45 -3.97 6.90
CA THR B 332 -38.64 -3.54 5.53
C THR B 332 -37.85 -2.26 5.28
N ILE B 333 -37.53 -2.02 4.04
CA ILE B 333 -36.78 -0.85 3.72
C ILE B 333 -37.69 0.25 3.22
N PRO B 334 -37.77 1.39 3.94
CA PRO B 334 -38.66 2.47 3.48
C PRO B 334 -38.60 2.74 1.99
N ASP B 335 -39.76 2.98 1.38
CA ASP B 335 -39.83 3.21 -0.05
C ASP B 335 -38.93 4.32 -0.62
N LEU B 336 -38.80 5.42 0.13
CA LEU B 336 -37.94 6.53 -0.30
C LEU B 336 -36.48 6.07 -0.49
N GLN B 337 -36.06 5.06 0.29
CA GLN B 337 -34.71 4.54 0.20
C GLN B 337 -34.55 3.52 -0.93
N LYS B 338 -35.52 2.61 -1.01
CA LYS B 338 -35.53 1.58 -2.05
C LYS B 338 -35.49 2.24 -3.44
N GLU B 339 -36.23 3.32 -3.64
CA GLU B 339 -36.23 3.96 -4.96
C GLU B 339 -34.91 4.55 -5.42
N ARG B 340 -34.18 5.13 -4.47
CA ARG B 340 -32.89 5.72 -4.77
C ARG B 340 -31.86 4.60 -4.97
N LEU B 341 -31.96 3.52 -4.18
CA LEU B 341 -31.05 2.38 -4.39
C LEU B 341 -31.23 1.91 -5.80
N LEU B 342 -32.49 1.85 -6.23
CA LEU B 342 -32.81 1.39 -7.57
C LEU B 342 -32.35 2.35 -8.68
N GLY B 343 -32.62 3.65 -8.48
CA GLY B 343 -32.19 4.64 -9.44
C GLY B 343 -30.69 4.45 -9.63
N LEU B 344 -29.94 4.36 -8.52
CA LEU B 344 -28.48 4.16 -8.63
C LEU B 344 -28.13 2.86 -9.34
N GLY B 345 -28.83 1.78 -8.99
CA GLY B 345 -28.56 0.52 -9.67
C GLY B 345 -28.74 0.65 -11.17
N GLU B 346 -29.78 1.36 -11.61
CA GLU B 346 -30.08 1.65 -13.04
C GLU B 346 -28.84 2.33 -13.67
N TRP B 347 -28.37 3.40 -13.02
CA TRP B 347 -27.21 4.11 -13.54
C TRP B 347 -25.92 3.22 -13.63
N LEU B 348 -25.67 2.41 -12.61
CA LEU B 348 -24.51 1.52 -12.61
C LEU B 348 -24.58 0.45 -13.70
N ARG B 349 -25.80 0.04 -14.08
CA ARG B 349 -25.97 -0.97 -15.13
C ARG B 349 -25.50 -0.41 -16.47
N LYS B 350 -25.78 0.88 -16.72
CA LYS B 350 -25.39 1.51 -17.96
C LYS B 350 -23.93 1.92 -17.91
N TYR B 351 -23.55 2.67 -16.87
CA TYR B 351 -22.20 3.22 -16.76
C TYR B 351 -21.16 2.51 -15.90
N GLY B 352 -21.55 1.42 -15.26
CA GLY B 352 -20.59 0.67 -14.45
C GLY B 352 -19.19 0.34 -14.94
N ASP B 353 -18.99 0.24 -16.25
CA ASP B 353 -17.66 -0.10 -16.72
C ASP B 353 -16.63 1.03 -16.53
N ALA B 354 -17.10 2.26 -16.30
CA ALA B 354 -16.22 3.42 -16.05
C ALA B 354 -16.10 3.64 -14.51
N ILE B 355 -16.62 2.69 -13.73
CA ILE B 355 -16.58 2.79 -12.26
C ILE B 355 -15.89 1.55 -11.62
N TYR B 356 -16.52 0.38 -11.73
CA TYR B 356 -15.92 -0.84 -11.15
C TYR B 356 -14.58 -1.14 -11.77
N GLY B 357 -13.60 -1.55 -10.97
CA GLY B 357 -12.31 -1.89 -11.53
C GLY B 357 -11.43 -0.76 -12.02
N THR B 358 -11.87 0.48 -11.85
CA THR B 358 -11.03 1.54 -12.29
C THR B 358 -10.02 1.95 -11.22
N SER B 359 -9.13 2.81 -11.67
CA SER B 359 -8.05 3.40 -10.91
C SER B 359 -8.18 4.88 -11.13
N VAL B 360 -7.54 5.66 -10.28
CA VAL B 360 -7.62 7.08 -10.39
C VAL B 360 -6.72 7.48 -11.57
N TRP B 361 -6.85 8.71 -12.06
CA TRP B 361 -6.03 9.18 -13.16
C TRP B 361 -5.12 10.27 -12.58
N GLU B 362 -4.44 11.06 -13.41
CA GLU B 362 -3.51 12.10 -12.93
C GLU B 362 -4.21 13.15 -12.14
N ARG B 363 -5.46 13.37 -12.50
CA ARG B 363 -6.28 14.35 -11.81
C ARG B 363 -7.66 13.76 -11.73
N CYS B 364 -8.38 14.13 -10.68
CA CYS B 364 -9.69 13.65 -10.42
C CYS B 364 -10.77 14.48 -11.05
N CYS B 365 -10.43 15.75 -11.23
CA CYS B 365 -11.40 16.76 -11.57
C CYS B 365 -11.11 17.84 -12.63
N ALA B 366 -12.19 18.33 -13.25
CA ALA B 366 -12.12 19.37 -14.24
C ALA B 366 -13.47 20.01 -14.32
N LYS B 367 -13.63 20.95 -15.23
CA LYS B 367 -14.90 21.60 -15.43
C LYS B 367 -15.05 22.27 -16.81
N THR B 368 -16.29 22.33 -17.28
CA THR B 368 -16.54 22.96 -18.56
C THR B 368 -16.61 24.45 -18.33
N GLU B 369 -16.29 25.21 -19.37
CA GLU B 369 -16.31 26.65 -19.43
C GLU B 369 -17.58 27.26 -18.82
N ASP B 370 -18.65 26.48 -18.78
CA ASP B 370 -19.92 26.95 -18.21
C ASP B 370 -20.21 26.42 -16.81
N GLY B 371 -19.24 25.82 -16.14
CA GLY B 371 -19.52 25.33 -14.80
C GLY B 371 -19.93 23.88 -14.58
N THR B 372 -20.10 23.07 -15.63
CA THR B 372 -20.41 21.66 -15.39
C THR B 372 -19.14 21.01 -14.83
N GLU B 373 -19.30 20.26 -13.74
CA GLU B 373 -18.17 19.57 -13.15
C GLU B 373 -17.89 18.23 -13.84
N ILE B 374 -16.61 17.89 -13.94
CA ILE B 374 -16.20 16.66 -14.56
C ILE B 374 -15.27 15.82 -13.64
N ARG B 375 -15.35 14.49 -13.75
CA ARG B 375 -14.52 13.62 -12.96
C ARG B 375 -13.88 12.60 -13.89
N PHE B 376 -12.71 12.06 -13.56
CA PHE B 376 -12.11 11.05 -14.44
C PHE B 376 -11.80 9.75 -13.69
N THR B 377 -11.82 8.64 -14.42
CA THR B 377 -11.44 7.36 -13.90
C THR B 377 -10.62 6.68 -14.98
N ARG B 378 -9.94 5.61 -14.63
CA ARG B 378 -9.10 5.03 -15.62
C ARG B 378 -9.08 3.48 -15.53
N LYS B 379 -8.78 2.87 -16.67
CA LYS B 379 -8.65 1.44 -16.81
C LYS B 379 -7.57 1.30 -17.88
N CYS B 380 -6.36 1.11 -17.42
CA CYS B 380 -5.21 0.99 -18.31
C CYS B 380 -5.10 2.22 -19.19
N ASN B 381 -5.24 2.05 -20.50
CA ASN B 381 -5.08 3.16 -21.46
C ASN B 381 -6.37 3.96 -21.65
N ARG B 382 -7.47 3.39 -21.18
CA ARG B 382 -8.78 4.04 -21.25
C ARG B 382 -9.00 5.02 -20.08
N ILE B 383 -9.38 6.23 -20.44
CA ILE B 383 -9.67 7.26 -19.49
C ILE B 383 -11.16 7.57 -19.56
N PHE B 384 -11.90 7.43 -18.48
CA PHE B 384 -13.28 7.79 -18.59
C PHE B 384 -13.46 9.21 -18.18
N VAL B 385 -14.27 9.96 -18.92
CA VAL B 385 -14.56 11.39 -18.66
C VAL B 385 -16.04 11.45 -18.31
N ILE B 386 -16.33 11.59 -17.03
CA ILE B 386 -17.70 11.59 -16.50
C ILE B 386 -18.15 12.97 -16.09
N PHE B 387 -19.13 13.52 -16.81
CA PHE B 387 -19.68 14.86 -16.55
C PHE B 387 -20.75 14.79 -15.47
N LEU B 388 -20.77 15.71 -14.53
CA LEU B 388 -21.81 15.59 -13.53
C LEU B 388 -23.01 16.35 -14.07
N GLY B 389 -23.71 15.68 -14.98
CA GLY B 389 -24.87 16.25 -15.63
C GLY B 389 -24.71 16.03 -17.13
N ILE B 390 -25.65 16.59 -17.90
CA ILE B 390 -25.55 16.42 -19.34
C ILE B 390 -25.64 17.79 -19.96
N PRO B 391 -24.54 18.23 -20.58
CA PRO B 391 -24.53 19.55 -21.22
C PRO B 391 -25.54 19.64 -22.36
N THR B 392 -26.19 20.79 -22.44
CA THR B 392 -27.22 21.13 -23.44
C THR B 392 -26.65 21.31 -24.86
N GLY B 393 -25.57 22.10 -24.97
CA GLY B 393 -24.97 22.38 -26.26
C GLY B 393 -23.99 21.35 -26.78
N GLU B 394 -23.94 21.17 -28.10
CA GLU B 394 -23.03 20.18 -28.69
C GLU B 394 -21.57 20.60 -28.54
N LYS B 395 -21.35 21.88 -28.28
CA LYS B 395 -19.97 22.26 -28.12
C LYS B 395 -19.62 22.31 -26.64
N ILE B 396 -18.66 21.48 -26.28
CA ILE B 396 -18.23 21.39 -24.91
C ILE B 396 -16.81 21.88 -24.85
N VAL B 397 -16.60 22.85 -23.98
CA VAL B 397 -15.25 23.36 -23.77
C VAL B 397 -14.82 22.95 -22.37
N ILE B 398 -13.80 22.09 -22.27
CA ILE B 398 -13.29 21.69 -20.96
C ILE B 398 -12.08 22.52 -20.67
N GLU B 399 -12.08 23.18 -19.52
CA GLU B 399 -10.99 24.07 -19.11
C GLU B 399 -9.74 23.42 -18.55
N ASP B 400 -8.60 24.02 -18.87
CA ASP B 400 -7.32 23.57 -18.32
C ASP B 400 -6.97 22.12 -18.53
N LEU B 401 -7.30 21.60 -19.71
CA LEU B 401 -7.04 20.22 -20.03
C LEU B 401 -6.63 20.07 -21.49
N ASN B 402 -5.66 19.21 -21.75
CA ASN B 402 -5.18 18.90 -23.11
C ASN B 402 -5.09 17.37 -23.07
N LEU B 403 -5.37 16.67 -24.17
CA LEU B 403 -5.25 15.22 -24.19
C LEU B 403 -4.27 14.88 -25.26
N SER B 404 -3.67 13.71 -25.15
CA SER B 404 -2.70 13.26 -26.15
C SER B 404 -3.18 11.93 -26.71
N ALA B 405 -4.43 11.58 -26.39
CA ALA B 405 -5.04 10.34 -26.81
C ALA B 405 -5.16 10.12 -28.34
N GLY B 406 -5.72 11.10 -29.03
CA GLY B 406 -5.88 10.88 -30.44
C GLY B 406 -7.29 10.41 -30.76
N THR B 407 -7.89 9.65 -29.85
CA THR B 407 -9.27 9.21 -30.05
C THR B 407 -10.14 9.35 -28.78
N VAL B 408 -11.34 9.91 -28.95
CA VAL B 408 -12.27 10.14 -27.84
C VAL B 408 -13.64 9.64 -28.27
N ARG B 409 -14.16 8.60 -27.64
CA ARG B 409 -15.45 8.07 -28.05
C ARG B 409 -16.56 8.47 -27.10
N HIS B 410 -17.80 8.38 -27.53
CA HIS B 410 -18.89 8.67 -26.65
C HIS B 410 -19.17 7.29 -26.05
N PHE B 411 -18.85 7.12 -24.75
CA PHE B 411 -18.99 5.88 -23.98
C PHE B 411 -20.12 4.90 -24.29
N LEU B 412 -21.36 5.31 -24.04
CA LEU B 412 -22.54 4.44 -24.26
C LEU B 412 -22.73 3.90 -25.70
N THR B 413 -22.53 4.74 -26.72
CA THR B 413 -22.68 4.35 -28.13
C THR B 413 -21.38 3.91 -28.78
N GLY B 414 -20.26 4.28 -28.20
CA GLY B 414 -18.96 3.90 -28.74
C GLY B 414 -18.55 4.82 -29.88
N GLU B 415 -19.41 5.76 -30.24
CA GLU B 415 -19.13 6.67 -31.36
C GLU B 415 -17.92 7.60 -31.29
N ARG B 416 -16.97 7.38 -32.19
CA ARG B 416 -15.78 8.22 -32.29
C ARG B 416 -16.26 9.67 -32.34
N LEU B 417 -15.57 10.56 -31.64
CA LEU B 417 -15.97 11.96 -31.62
C LEU B 417 -14.84 12.87 -32.04
N SER B 418 -15.22 14.08 -32.46
CA SER B 418 -14.28 15.09 -32.91
C SER B 418 -13.81 15.98 -31.80
N PHE B 419 -12.50 16.09 -31.67
CA PHE B 419 -11.97 16.95 -30.62
C PHE B 419 -10.64 17.50 -31.02
N LYS B 420 -10.22 18.55 -30.31
CA LYS B 420 -8.91 19.16 -30.53
C LYS B 420 -8.57 20.09 -29.34
N ASN B 421 -7.28 20.15 -28.99
CA ASN B 421 -6.82 21.00 -27.91
C ASN B 421 -6.72 22.43 -28.46
N VAL B 422 -7.51 23.33 -27.88
CA VAL B 422 -7.47 24.72 -28.29
C VAL B 422 -6.77 25.50 -27.17
N GLY B 423 -5.46 25.50 -27.18
CA GLY B 423 -4.78 26.23 -26.14
C GLY B 423 -4.70 25.45 -24.85
N LYS B 424 -5.15 26.09 -23.76
CA LYS B 424 -5.11 25.47 -22.46
C LYS B 424 -6.36 24.61 -22.24
N ASN B 425 -7.26 24.61 -23.22
CA ASN B 425 -8.50 23.83 -23.15
C ASN B 425 -8.55 22.67 -24.14
N LEU B 426 -9.57 21.83 -23.96
CA LEU B 426 -9.82 20.71 -24.83
C LEU B 426 -11.22 20.98 -25.31
N GLU B 427 -11.42 20.87 -26.62
CA GLU B 427 -12.72 21.12 -27.23
C GLU B 427 -13.25 19.86 -27.90
N ILE B 428 -14.51 19.55 -27.59
CA ILE B 428 -15.14 18.35 -28.12
C ILE B 428 -16.51 18.74 -28.61
N THR B 429 -17.01 17.96 -29.56
CA THR B 429 -18.34 18.19 -30.09
C THR B 429 -19.09 16.88 -29.91
N VAL B 430 -20.18 16.98 -29.18
CA VAL B 430 -20.98 15.82 -28.87
C VAL B 430 -22.30 16.03 -29.57
N PRO B 431 -22.59 15.21 -30.61
CA PRO B 431 -23.82 15.28 -31.38
C PRO B 431 -25.02 15.11 -30.42
N LYS B 432 -25.89 16.12 -30.40
CA LYS B 432 -27.06 16.13 -29.53
C LYS B 432 -27.82 14.79 -29.51
N LYS B 433 -27.71 13.98 -30.57
CA LYS B 433 -28.39 12.69 -30.60
C LYS B 433 -27.80 11.84 -29.52
N LEU B 434 -26.48 11.94 -29.36
CA LEU B 434 -25.74 11.19 -28.34
C LEU B 434 -25.96 11.79 -26.96
N LEU B 435 -25.91 13.11 -26.89
CA LEU B 435 -26.14 13.74 -25.62
C LEU B 435 -27.46 13.27 -25.12
N GLU B 436 -28.46 13.21 -25.98
CA GLU B 436 -29.77 12.82 -25.51
C GLU B 436 -29.86 11.34 -25.21
N THR B 437 -28.77 10.63 -25.47
CA THR B 437 -28.78 9.22 -25.18
C THR B 437 -28.39 8.93 -23.68
N ASP B 438 -27.47 9.69 -23.13
CA ASP B 438 -27.04 9.51 -21.75
C ASP B 438 -28.09 9.74 -20.68
N SER B 439 -27.90 9.09 -19.54
CA SER B 439 -28.89 9.23 -18.48
C SER B 439 -28.69 10.32 -17.41
N ILE B 440 -27.59 10.36 -16.68
CA ILE B 440 -27.56 11.44 -15.69
C ILE B 440 -26.26 12.18 -15.88
N THR B 441 -25.38 11.48 -16.55
CA THR B 441 -24.08 11.97 -16.80
C THR B 441 -23.72 11.66 -18.23
N LEU B 442 -23.07 12.63 -18.84
CA LEU B 442 -22.56 12.41 -20.16
C LEU B 442 -21.23 11.74 -19.85
N VAL B 443 -20.94 10.62 -20.48
CA VAL B 443 -19.65 9.99 -20.24
C VAL B 443 -18.93 9.90 -21.55
N LEU B 444 -17.63 10.15 -21.56
CA LEU B 444 -16.82 10.02 -22.76
C LEU B 444 -15.64 9.13 -22.38
N GLU B 445 -15.01 8.54 -23.37
CA GLU B 445 -13.92 7.65 -23.14
C GLU B 445 -12.79 8.06 -24.06
N ALA B 446 -11.62 8.31 -23.51
CA ALA B 446 -10.47 8.70 -24.26
C ALA B 446 -9.52 7.52 -24.20
N VAL B 447 -8.89 7.18 -25.32
CA VAL B 447 -7.97 6.04 -25.39
C VAL B 447 -6.62 6.56 -25.83
N GLU B 448 -5.64 6.53 -24.92
CA GLU B 448 -4.30 7.09 -25.19
C GLU B 448 -3.23 6.31 -25.98
#